data_7UMK
#
_entry.id   7UMK
#
_cell.length_a   1.00
_cell.length_b   1.00
_cell.length_c   1.00
_cell.angle_alpha   90.00
_cell.angle_beta   90.00
_cell.angle_gamma   90.00
#
_symmetry.space_group_name_H-M   'P 1'
#
loop_
_entity.id
_entity.type
_entity.pdbx_description
1 polymer Nucleoprotein
2 polymer 'Matrix protein'
3 polymer "RNA (5'-R(P*UP*UP*UP*UP*UP*UP*UP*UP*U)-3')"
#
loop_
_entity_poly.entity_id
_entity_poly.type
_entity_poly.pdbx_seq_one_letter_code
_entity_poly.pdbx_strand_id
1 'polypeptide(L)'
;MSVTVKRIIDNTVIVPKLPANEDPVEYPADYFRKSKEIPLYINTTKSLSDLRGYVYQGLKSGNVSIIHVNSYLYGALKDI
RGKLDKDWSSFGINIGKAGDTIGIFDLVSLKALDGVLPDGVSDASRTSADDKWLPLYLLGLYRVGRTQMPEYRKKLMDGL
TNQCKMINEQFEPLVPEGRDIFDVWGNDSNYTKIVAAVDMFFHMFKKHECASFRYGTIVSRFKDCAALATFGHLCKITGM
STEDVTTWILNREVADEMVQMMLPGQEIDKADSYMPYLIDFGLSSKSPYSSVKNPAFHFWGQLTALLLRSTRARNARQPD
DIEYTSLTTAGLLYAYAVGSSADLAQQFCVGDNKYTPDDSTGGLTTNAPPQGRDVVEWLGWFEDQNRKPTPDMMQYAKRA
VMSLQGLREKTIGKYAKSEFDK
;
A
2 'polypeptide(L)'
;MSSLKKILGLKGKGKKSKKLGIAPPPYEEDTSMEYAPSAPIDKSYFGVDEMDTYDPNQLRYEKFFFTVKMTVRSNRPFRT
YSDVAAAVSHWDHMYIGMAGKRPFYKILAFLGSSNLKATPAVLADQGQPEYHAHCEGRAYLPHRMGKTPPMLNVPEHFRR
PFNIGLYKGTIELTMTIYDDESLEAAPMIWDHFNSSKFSDFREKALMFGLIVEKKASGAWVLDSISHFK
;
B,C
3 'polyribonucleotide' UUUUUUUUU R
#
loop_
_chem_comp.id
_chem_comp.type
_chem_comp.name
_chem_comp.formula
U RNA linking URIDINE-5'-MONOPHOSPHATE 'C9 H13 N2 O9 P'
#
# COMPACT_ATOMS: atom_id res chain seq x y z
N SER A 2 -38.49 36.09 3.25
CA SER A 2 -38.82 35.93 4.66
C SER A 2 -40.18 36.55 4.96
N VAL A 3 -40.72 36.23 6.13
CA VAL A 3 -42.02 36.74 6.57
C VAL A 3 -42.03 36.78 8.09
N THR A 4 -42.82 37.69 8.63
CA THR A 4 -42.95 37.86 10.07
C THR A 4 -44.15 37.08 10.59
N VAL A 5 -43.96 36.42 11.74
CA VAL A 5 -45.02 35.68 12.42
C VAL A 5 -44.97 36.07 13.88
N LYS A 6 -45.97 36.83 14.33
CA LYS A 6 -46.01 37.35 15.69
C LYS A 6 -46.98 36.52 16.54
N ARG A 7 -46.59 36.26 17.78
CA ARG A 7 -47.45 35.56 18.73
C ARG A 7 -48.67 36.42 19.02
N ILE A 8 -49.86 35.87 18.78
CA ILE A 8 -51.08 36.67 18.85
C ILE A 8 -51.35 37.13 20.28
N ILE A 9 -51.27 36.21 21.24
CA ILE A 9 -51.69 36.53 22.61
C ILE A 9 -50.82 37.61 23.23
N ASP A 10 -49.52 37.61 22.91
CA ASP A 10 -48.59 38.56 23.51
C ASP A 10 -48.05 39.60 22.53
N ASN A 11 -48.20 39.37 21.22
CA ASN A 11 -47.73 40.26 20.15
C ASN A 11 -46.22 40.13 19.97
N THR A 12 -45.59 39.15 20.61
CA THR A 12 -44.13 39.03 20.56
C THR A 12 -43.69 38.69 19.15
N VAL A 13 -42.39 38.88 18.90
CA VAL A 13 -41.77 38.62 17.60
C VAL A 13 -40.89 37.40 17.72
N ILE A 14 -40.99 36.50 16.72
CA ILE A 14 -40.17 35.29 16.67
C ILE A 14 -39.81 35.03 15.21
N VAL A 15 -38.81 34.18 15.02
CA VAL A 15 -38.34 33.82 13.68
C VAL A 15 -38.16 32.30 13.63
N PRO A 16 -39.17 31.54 13.21
CA PRO A 16 -39.01 30.09 13.10
C PRO A 16 -37.91 29.71 12.11
N LYS A 17 -36.87 29.06 12.61
CA LYS A 17 -35.82 28.53 11.76
C LYS A 17 -36.18 27.10 11.38
N LEU A 18 -35.26 26.38 10.74
CA LEU A 18 -35.51 25.00 10.36
C LEU A 18 -34.47 24.08 10.98
N PRO A 19 -34.82 22.81 11.22
CA PRO A 19 -33.79 21.82 11.55
C PRO A 19 -32.92 21.51 10.35
N ALA A 20 -31.71 21.03 10.64
CA ALA A 20 -30.78 20.58 9.60
C ALA A 20 -30.29 19.18 9.96
N ASN A 21 -31.04 18.15 9.53
CA ASN A 21 -30.50 16.80 9.51
C ASN A 21 -29.69 16.55 8.25
N GLU A 22 -30.03 17.23 7.16
CA GLU A 22 -29.29 17.16 5.91
C GLU A 22 -27.98 17.96 6.03
N ASP A 23 -27.26 18.03 4.94
CA ASP A 23 -25.98 18.74 4.85
C ASP A 23 -26.11 19.90 3.88
N PRO A 24 -25.24 20.92 3.99
CA PRO A 24 -25.40 22.11 3.15
C PRO A 24 -25.07 21.83 1.69
N VAL A 25 -25.21 22.85 0.85
CA VAL A 25 -25.02 22.70 -0.59
C VAL A 25 -23.84 23.55 -1.03
N GLU A 26 -23.15 23.07 -2.07
CA GLU A 26 -21.98 23.74 -2.62
C GLU A 26 -22.07 23.75 -4.14
N TYR A 27 -21.40 24.72 -4.75
CA TYR A 27 -21.38 24.86 -6.19
C TYR A 27 -19.95 24.86 -6.70
N PRO A 28 -19.70 24.33 -7.91
CA PRO A 28 -18.32 24.33 -8.42
C PRO A 28 -17.71 25.72 -8.51
N ALA A 29 -18.49 26.73 -8.86
CA ALA A 29 -17.96 28.09 -8.97
C ALA A 29 -17.27 28.55 -7.69
N ASP A 30 -17.75 28.06 -6.53
CA ASP A 30 -17.16 28.49 -5.26
C ASP A 30 -15.79 27.88 -5.03
N TYR A 31 -15.43 26.82 -5.74
CA TYR A 31 -14.10 26.24 -5.58
C TYR A 31 -13.05 27.03 -6.34
N PHE A 32 -13.36 27.47 -7.55
CA PHE A 32 -12.45 28.29 -8.33
C PHE A 32 -12.50 29.77 -7.93
N ARG A 33 -13.45 30.17 -7.10
CA ARG A 33 -13.43 31.49 -6.50
C ARG A 33 -12.50 31.56 -5.31
N LYS A 34 -11.97 30.42 -4.86
CA LYS A 34 -11.09 30.35 -3.70
C LYS A 34 -10.09 29.23 -3.97
N SER A 35 -8.83 29.60 -4.23
CA SER A 35 -7.80 28.69 -4.71
C SER A 35 -8.11 28.28 -6.14
N LYS A 36 -7.07 28.03 -6.94
CA LYS A 36 -7.21 27.81 -8.38
C LYS A 36 -6.39 26.60 -8.85
N GLU A 37 -6.16 25.63 -7.96
CA GLU A 37 -5.32 24.49 -8.28
C GLU A 37 -5.93 23.23 -7.67
N ILE A 38 -6.19 22.24 -8.51
CA ILE A 38 -6.72 20.95 -8.08
C ILE A 38 -5.54 20.08 -7.64
N PRO A 39 -5.28 19.91 -6.35
CA PRO A 39 -4.10 19.14 -5.93
C PRO A 39 -4.21 17.66 -6.30
N LEU A 40 -3.05 17.04 -6.48
CA LEU A 40 -2.96 15.60 -6.71
C LEU A 40 -1.65 15.11 -6.12
N TYR A 41 -1.73 14.19 -5.17
CA TYR A 41 -0.57 13.69 -4.44
C TYR A 41 -0.24 12.28 -4.90
N ILE A 42 1.04 12.05 -5.22
CA ILE A 42 1.51 10.73 -5.64
C ILE A 42 2.92 10.53 -5.13
N ASN A 43 3.45 9.32 -5.34
CA ASN A 43 4.83 8.98 -5.03
C ASN A 43 5.58 8.69 -6.32
N THR A 44 6.83 9.17 -6.39
CA THR A 44 7.68 8.94 -7.56
C THR A 44 9.07 8.43 -7.16
N THR A 45 9.21 7.85 -5.97
CA THR A 45 10.53 7.40 -5.53
C THR A 45 11.00 6.18 -6.31
N LYS A 46 10.10 5.23 -6.57
CA LYS A 46 10.46 3.98 -7.21
C LYS A 46 10.37 4.09 -8.72
N SER A 47 11.22 3.33 -9.41
CA SER A 47 11.24 3.33 -10.86
C SER A 47 9.99 2.65 -11.41
N LEU A 48 9.89 2.61 -12.75
CA LEU A 48 8.69 2.08 -13.39
C LEU A 48 8.63 0.56 -13.28
N SER A 49 9.77 -0.12 -13.39
CA SER A 49 9.77 -1.58 -13.38
C SER A 49 9.34 -2.11 -12.02
N ASP A 50 9.78 -1.48 -10.93
CA ASP A 50 9.39 -1.92 -9.61
C ASP A 50 7.90 -1.77 -9.40
N LEU A 51 7.33 -0.66 -9.87
CA LEU A 51 5.89 -0.46 -9.74
C LEU A 51 5.12 -1.47 -10.60
N ARG A 52 5.61 -1.74 -11.80
CA ARG A 52 5.00 -2.79 -12.63
C ARG A 52 4.96 -4.12 -11.89
N GLY A 53 6.11 -4.54 -11.35
CA GLY A 53 6.15 -5.77 -10.59
C GLY A 53 5.19 -5.76 -9.42
N TYR A 54 5.19 -4.67 -8.64
CA TYR A 54 4.33 -4.57 -7.48
C TYR A 54 2.87 -4.72 -7.87
N VAL A 55 2.44 -3.97 -8.87
CA VAL A 55 1.03 -4.00 -9.28
C VAL A 55 0.66 -5.39 -9.77
N TYR A 56 1.46 -5.96 -10.69
CA TYR A 56 1.12 -7.24 -11.27
C TYR A 56 1.05 -8.33 -10.19
N GLN A 57 2.01 -8.34 -9.27
CA GLN A 57 2.03 -9.41 -8.27
C GLN A 57 0.95 -9.21 -7.23
N GLY A 58 0.78 -8.00 -6.72
CA GLY A 58 -0.33 -7.73 -5.83
C GLY A 58 -1.66 -8.14 -6.41
N LEU A 59 -1.88 -7.86 -7.70
CA LEU A 59 -3.15 -8.26 -8.31
C LEU A 59 -3.25 -9.77 -8.46
N LYS A 60 -2.13 -10.44 -8.77
CA LYS A 60 -2.17 -11.89 -8.89
C LYS A 60 -2.50 -12.55 -7.55
N SER A 61 -1.85 -12.10 -6.48
CA SER A 61 -2.16 -12.58 -5.14
C SER A 61 -3.46 -11.97 -4.62
N GLY A 62 -3.68 -10.69 -4.90
CA GLY A 62 -4.85 -9.99 -4.42
C GLY A 62 -4.64 -9.19 -3.14
N ASN A 63 -3.46 -8.62 -2.93
CA ASN A 63 -3.19 -7.75 -1.79
C ASN A 63 -2.43 -6.50 -2.23
N VAL A 64 -2.84 -5.92 -3.35
CA VAL A 64 -2.17 -4.74 -3.89
C VAL A 64 -2.56 -3.52 -3.08
N SER A 65 -1.65 -2.56 -2.99
CA SER A 65 -1.90 -1.31 -2.27
C SER A 65 -2.38 -0.23 -3.23
N ILE A 66 -3.15 0.71 -2.68
CA ILE A 66 -3.71 1.79 -3.49
C ILE A 66 -2.60 2.72 -3.99
N ILE A 67 -1.67 3.10 -3.11
CA ILE A 67 -0.65 4.07 -3.47
C ILE A 67 0.17 3.57 -4.66
N HIS A 68 0.46 2.26 -4.69
CA HIS A 68 1.27 1.72 -5.77
C HIS A 68 0.50 1.76 -7.08
N VAL A 69 -0.81 1.54 -7.04
CA VAL A 69 -1.60 1.61 -8.26
C VAL A 69 -1.67 3.04 -8.76
N ASN A 70 -1.89 4.00 -7.85
CA ASN A 70 -1.89 5.40 -8.24
C ASN A 70 -0.57 5.78 -8.90
N SER A 71 0.55 5.41 -8.27
CA SER A 71 1.85 5.77 -8.84
C SER A 71 2.09 5.07 -10.17
N TYR A 72 1.60 3.85 -10.33
CA TYR A 72 1.76 3.15 -11.60
C TYR A 72 0.97 3.82 -12.70
N LEU A 73 -0.29 4.20 -12.43
CA LEU A 73 -1.06 4.93 -13.44
C LEU A 73 -0.41 6.26 -13.77
N TYR A 74 0.16 6.94 -12.78
CA TYR A 74 0.88 8.17 -13.07
C TYR A 74 2.07 7.92 -13.98
N GLY A 75 2.85 6.89 -13.69
CA GLY A 75 4.05 6.60 -14.47
C GLY A 75 3.80 5.94 -15.79
N ALA A 76 2.57 5.49 -16.06
CA ALA A 76 2.22 4.90 -17.35
C ALA A 76 1.55 5.91 -18.28
N LEU A 77 0.56 6.66 -17.77
CA LEU A 77 -0.14 7.66 -18.57
C LEU A 77 0.56 9.01 -18.48
N LYS A 78 1.82 9.02 -18.89
CA LYS A 78 2.62 10.25 -18.93
C LYS A 78 3.30 10.51 -20.27
N ASP A 79 3.50 9.49 -21.10
CA ASP A 79 4.04 9.67 -22.43
C ASP A 79 2.96 9.74 -23.51
N ILE A 80 1.70 9.68 -23.11
CA ILE A 80 0.59 9.87 -24.04
C ILE A 80 0.34 11.36 -24.19
N ARG A 81 0.07 11.80 -25.42
CA ARG A 81 -0.18 13.20 -25.70
C ARG A 81 -1.05 13.31 -26.95
N GLY A 82 -1.22 14.53 -27.43
CA GLY A 82 -2.08 14.77 -28.58
C GLY A 82 -1.94 16.20 -29.04
N LYS A 83 -2.68 16.52 -30.09
CA LYS A 83 -2.79 17.89 -30.57
C LYS A 83 -3.90 18.58 -29.79
N LEU A 84 -4.23 19.82 -30.17
CA LEU A 84 -5.19 20.62 -29.41
C LEU A 84 -5.82 21.62 -30.35
N ASP A 85 -7.14 21.50 -30.53
CA ASP A 85 -7.92 22.41 -31.37
C ASP A 85 -8.86 23.20 -30.46
N LYS A 86 -8.58 24.50 -30.34
CA LYS A 86 -9.45 25.55 -29.79
C LYS A 86 -8.74 26.24 -28.61
N ASP A 87 -9.49 26.64 -27.59
CA ASP A 87 -9.01 27.57 -26.58
C ASP A 87 -9.42 27.13 -25.18
N TRP A 88 -9.27 25.83 -24.87
CA TRP A 88 -9.89 25.26 -23.67
C TRP A 88 -9.80 26.20 -22.49
N SER A 89 -10.94 26.43 -21.85
CA SER A 89 -11.02 27.30 -20.69
C SER A 89 -12.35 27.04 -20.00
N SER A 90 -12.37 27.24 -18.69
CA SER A 90 -13.56 26.94 -17.89
C SER A 90 -13.39 27.55 -16.52
N PHE A 91 -14.47 28.14 -16.00
CA PHE A 91 -14.51 28.69 -14.66
C PHE A 91 -13.24 29.52 -14.38
N GLY A 92 -12.95 30.44 -15.30
CA GLY A 92 -11.80 31.31 -15.16
C GLY A 92 -10.45 30.63 -15.20
N ILE A 93 -10.36 29.44 -15.79
CA ILE A 93 -9.09 28.75 -15.98
C ILE A 93 -8.84 28.60 -17.48
N ASN A 94 -7.56 28.45 -17.84
CA ASN A 94 -7.13 28.26 -19.21
C ASN A 94 -6.19 27.08 -19.29
N ILE A 95 -6.25 26.37 -20.43
CA ILE A 95 -5.39 25.21 -20.68
C ILE A 95 -4.94 25.29 -22.13
N GLY A 96 -3.65 25.56 -22.34
CA GLY A 96 -3.09 25.55 -23.67
C GLY A 96 -3.77 26.54 -24.60
N LYS A 97 -3.40 26.42 -25.87
CA LYS A 97 -3.97 27.23 -26.94
C LYS A 97 -3.83 26.44 -28.24
N ALA A 98 -4.79 26.64 -29.13
CA ALA A 98 -4.81 25.96 -30.43
C ALA A 98 -3.43 25.94 -31.07
N GLY A 99 -2.96 24.75 -31.41
CA GLY A 99 -1.70 24.62 -32.11
C GLY A 99 -0.52 24.30 -31.20
N ASP A 100 -0.72 23.36 -30.29
CA ASP A 100 0.35 22.88 -29.42
C ASP A 100 0.01 21.46 -28.98
N THR A 101 0.74 20.94 -28.01
CA THR A 101 0.54 19.58 -27.52
C THR A 101 0.31 19.62 -26.02
N ILE A 102 -0.45 18.64 -25.51
CA ILE A 102 -0.74 18.52 -24.09
C ILE A 102 -0.73 17.05 -23.71
N GLY A 103 -0.59 16.80 -22.41
CA GLY A 103 -0.67 15.47 -21.85
C GLY A 103 -2.00 15.19 -21.18
N ILE A 104 -2.02 14.14 -20.36
CA ILE A 104 -3.24 13.80 -19.65
C ILE A 104 -3.25 14.39 -18.24
N PHE A 105 -2.08 14.62 -17.64
CA PHE A 105 -1.97 15.19 -16.31
C PHE A 105 -1.69 16.68 -16.32
N ASP A 106 -1.89 17.33 -17.47
CA ASP A 106 -1.75 18.77 -17.58
C ASP A 106 -3.03 19.51 -17.18
N LEU A 107 -4.01 18.79 -16.65
CA LEU A 107 -5.27 19.38 -16.19
C LEU A 107 -5.32 19.58 -14.68
N VAL A 108 -4.48 18.86 -13.93
CA VAL A 108 -4.42 18.97 -12.48
C VAL A 108 -2.97 19.18 -12.07
N SER A 109 -2.80 19.80 -10.90
CA SER A 109 -1.47 20.15 -10.40
C SER A 109 -0.91 18.99 -9.59
N LEU A 110 0.33 18.62 -9.88
CA LEU A 110 1.00 17.52 -9.19
C LEU A 110 1.84 18.04 -8.04
N LYS A 111 2.00 17.20 -7.02
CA LYS A 111 2.76 17.56 -5.83
C LYS A 111 3.41 16.29 -5.28
N ALA A 112 3.91 16.38 -4.06
CA ALA A 112 4.67 15.29 -3.43
C ALA A 112 3.90 14.76 -2.23
N LEU A 113 3.48 13.50 -2.31
CA LEU A 113 2.86 12.84 -1.18
C LEU A 113 3.91 12.54 -0.12
N ASP A 114 3.49 12.62 1.14
CA ASP A 114 4.38 12.45 2.28
C ASP A 114 3.81 11.38 3.21
N GLY A 115 4.71 10.79 3.99
CA GLY A 115 4.38 9.73 4.91
C GLY A 115 4.96 8.39 4.47
N VAL A 116 5.08 7.48 5.44
CA VAL A 116 5.61 6.15 5.14
C VAL A 116 4.72 5.46 4.12
N LEU A 117 5.31 4.53 3.39
CA LEU A 117 4.62 3.80 2.33
C LEU A 117 4.69 2.29 2.59
N PRO A 118 3.71 1.53 2.13
CA PRO A 118 3.71 0.08 2.34
C PRO A 118 4.70 -0.61 1.41
N ASP A 119 4.73 -1.93 1.49
CA ASP A 119 5.62 -2.74 0.68
C ASP A 119 4.82 -3.56 -0.33
N GLY A 120 5.52 -4.35 -1.12
CA GLY A 120 4.90 -5.13 -2.18
C GLY A 120 5.64 -6.44 -2.38
N VAL A 121 5.18 -7.19 -3.38
CA VAL A 121 5.79 -8.45 -3.79
C VAL A 121 6.38 -8.21 -5.18
N SER A 122 7.70 -8.13 -5.26
CA SER A 122 8.35 -7.69 -6.49
C SER A 122 8.63 -8.88 -7.42
N ASP A 123 8.65 -8.58 -8.71
CA ASP A 123 8.95 -9.55 -9.76
C ASP A 123 10.05 -9.01 -10.64
N ALA A 124 10.86 -9.92 -11.19
CA ALA A 124 11.97 -9.56 -12.08
C ALA A 124 11.78 -10.14 -13.47
N SER A 125 10.53 -10.39 -13.87
CA SER A 125 10.22 -10.76 -15.24
C SER A 125 8.84 -10.19 -15.56
N ARG A 126 8.82 -9.02 -16.21
CA ARG A 126 7.57 -8.38 -16.59
C ARG A 126 7.83 -7.63 -17.89
N THR A 127 7.49 -8.25 -19.02
CA THR A 127 7.72 -7.63 -20.32
C THR A 127 6.96 -6.31 -20.41
N SER A 128 7.52 -5.38 -21.20
CA SER A 128 6.90 -4.06 -21.35
C SER A 128 5.54 -4.14 -22.03
N ALA A 129 5.38 -5.09 -22.95
CA ALA A 129 4.16 -5.17 -23.76
C ALA A 129 2.90 -5.26 -22.92
N ASP A 130 3.00 -5.58 -21.63
CA ASP A 130 1.84 -5.71 -20.78
C ASP A 130 1.37 -4.38 -20.20
N ASP A 131 1.97 -3.27 -20.63
CA ASP A 131 1.48 -1.95 -20.21
C ASP A 131 0.30 -1.48 -21.07
N LYS A 132 0.20 -1.96 -22.30
CA LYS A 132 -0.89 -1.56 -23.19
C LYS A 132 -2.25 -1.74 -22.53
N TRP A 133 -2.41 -2.81 -21.74
CA TRP A 133 -3.72 -3.21 -21.23
C TRP A 133 -3.84 -3.15 -19.71
N LEU A 134 -2.75 -2.89 -18.98
CA LEU A 134 -2.84 -2.89 -17.53
C LEU A 134 -3.64 -1.69 -17.02
N PRO A 135 -3.35 -0.45 -17.44
CA PRO A 135 -4.26 0.65 -17.04
C PRO A 135 -5.69 0.41 -17.45
N LEU A 136 -5.92 -0.17 -18.63
CA LEU A 136 -7.28 -0.52 -19.03
C LEU A 136 -7.90 -1.52 -18.08
N TYR A 137 -7.13 -2.54 -17.68
CA TYR A 137 -7.64 -3.53 -16.74
C TYR A 137 -8.02 -2.88 -15.42
N LEU A 138 -7.17 -1.98 -14.91
CA LEU A 138 -7.44 -1.36 -13.62
C LEU A 138 -8.66 -0.45 -13.69
N LEU A 139 -8.77 0.34 -14.75
CA LEU A 139 -9.94 1.19 -14.92
C LEU A 139 -11.22 0.35 -15.05
N GLY A 140 -11.15 -0.74 -15.81
CA GLY A 140 -12.30 -1.64 -15.88
C GLY A 140 -12.67 -2.23 -14.54
N LEU A 141 -11.68 -2.57 -13.73
CA LEU A 141 -11.95 -3.03 -12.37
C LEU A 141 -12.66 -1.96 -11.56
N TYR A 142 -12.17 -0.71 -11.65
CA TYR A 142 -12.84 0.39 -10.97
C TYR A 142 -14.30 0.50 -11.41
N ARG A 143 -14.55 0.40 -12.71
CA ARG A 143 -15.91 0.50 -13.23
C ARG A 143 -16.79 -0.63 -12.70
N VAL A 144 -16.30 -1.87 -12.80
CA VAL A 144 -17.12 -3.02 -12.41
C VAL A 144 -17.31 -3.11 -10.91
N GLY A 145 -16.46 -2.47 -10.12
CA GLY A 145 -16.58 -2.56 -8.68
C GLY A 145 -17.54 -1.56 -8.07
N ARG A 146 -18.42 -0.97 -8.89
CA ARG A 146 -19.33 0.05 -8.42
C ARG A 146 -20.77 -0.42 -8.26
N THR A 147 -21.17 -1.49 -8.95
CA THR A 147 -22.53 -2.01 -8.89
C THR A 147 -22.54 -3.31 -8.09
N GLN A 148 -23.34 -3.35 -7.03
CA GLN A 148 -23.46 -4.53 -6.18
C GLN A 148 -24.59 -5.41 -6.69
N MET A 149 -24.27 -6.21 -7.71
CA MET A 149 -25.20 -7.19 -8.26
C MET A 149 -24.40 -8.28 -8.96
N PRO A 150 -24.64 -9.57 -8.65
CA PRO A 150 -23.78 -10.60 -9.24
C PRO A 150 -23.91 -10.72 -10.75
N GLU A 151 -25.14 -10.68 -11.27
CA GLU A 151 -25.33 -10.81 -12.72
C GLU A 151 -24.66 -9.68 -13.47
N TYR A 152 -25.00 -8.44 -13.13
CA TYR A 152 -24.36 -7.28 -13.74
C TYR A 152 -22.85 -7.33 -13.55
N ARG A 153 -22.38 -7.69 -12.35
CA ARG A 153 -20.95 -7.73 -12.11
C ARG A 153 -20.25 -8.70 -13.06
N LYS A 154 -20.83 -9.88 -13.25
CA LYS A 154 -20.15 -10.87 -14.09
C LYS A 154 -20.26 -10.51 -15.56
N LYS A 155 -21.39 -9.93 -15.97
CA LYS A 155 -21.52 -9.47 -17.35
C LYS A 155 -20.49 -8.38 -17.65
N LEU A 156 -20.29 -7.46 -16.70
CA LEU A 156 -19.34 -6.37 -16.92
C LEU A 156 -17.90 -6.88 -16.89
N MET A 157 -17.61 -7.85 -16.02
CA MET A 157 -16.25 -8.37 -15.99
C MET A 157 -15.97 -9.26 -17.19
N ASP A 158 -16.99 -9.88 -17.78
CA ASP A 158 -16.79 -10.63 -19.01
C ASP A 158 -16.58 -9.68 -20.19
N GLY A 159 -17.31 -8.56 -20.20
CA GLY A 159 -17.01 -7.53 -21.17
C GLY A 159 -15.58 -7.01 -21.04
N LEU A 160 -15.14 -6.81 -19.79
CA LEU A 160 -13.77 -6.34 -19.56
C LEU A 160 -12.74 -7.36 -20.05
N THR A 161 -12.96 -8.64 -19.76
CA THR A 161 -12.04 -9.67 -20.22
C THR A 161 -12.00 -9.72 -21.74
N ASN A 162 -13.15 -9.56 -22.39
CA ASN A 162 -13.17 -9.47 -23.85
C ASN A 162 -12.38 -8.26 -24.34
N GLN A 163 -12.56 -7.11 -23.67
CA GLN A 163 -11.82 -5.91 -24.07
C GLN A 163 -10.33 -6.14 -24.00
N CYS A 164 -9.86 -6.76 -22.92
CA CYS A 164 -8.43 -7.04 -22.81
C CYS A 164 -8.00 -8.06 -23.87
N LYS A 165 -8.85 -9.05 -24.15
CA LYS A 165 -8.50 -10.09 -25.10
C LYS A 165 -8.33 -9.53 -26.51
N MET A 166 -9.26 -8.68 -26.95
CA MET A 166 -9.20 -8.18 -28.32
C MET A 166 -7.92 -7.39 -28.59
N ILE A 167 -7.17 -7.04 -27.56
CA ILE A 167 -5.92 -6.28 -27.70
C ILE A 167 -4.71 -7.17 -27.49
N ASN A 168 -4.69 -7.93 -26.40
CA ASN A 168 -3.53 -8.71 -25.98
C ASN A 168 -3.93 -10.14 -25.64
N GLU A 169 -4.73 -10.75 -26.52
CA GLU A 169 -5.20 -12.10 -26.31
C GLU A 169 -4.04 -13.03 -25.94
N GLN A 170 -4.36 -14.07 -25.18
CA GLN A 170 -3.51 -14.82 -24.26
C GLN A 170 -3.35 -14.06 -22.95
N PHE A 171 -3.94 -12.87 -22.82
CA PHE A 171 -4.13 -12.27 -21.51
C PHE A 171 -4.97 -13.19 -20.63
N GLU A 172 -4.63 -13.24 -19.33
CA GLU A 172 -5.36 -14.09 -18.41
C GLU A 172 -5.94 -13.26 -17.27
N PRO A 173 -7.04 -13.70 -16.67
CA PRO A 173 -7.62 -12.93 -15.55
C PRO A 173 -6.70 -12.89 -14.35
N LEU A 174 -6.59 -11.69 -13.75
CA LEU A 174 -5.96 -11.50 -12.46
C LEU A 174 -7.06 -11.36 -11.40
N VAL A 175 -6.66 -11.07 -10.17
CA VAL A 175 -7.59 -10.83 -9.05
C VAL A 175 -8.64 -11.93 -9.04
N PRO A 176 -8.28 -13.17 -8.68
CA PRO A 176 -9.17 -14.31 -8.89
C PRO A 176 -10.53 -14.12 -8.23
N GLU A 177 -11.44 -15.02 -8.60
CA GLU A 177 -12.87 -14.91 -8.31
C GLU A 177 -13.21 -15.06 -6.83
N GLY A 178 -12.24 -15.21 -5.95
CA GLY A 178 -12.52 -15.41 -4.55
C GLY A 178 -12.53 -14.10 -3.78
N ARG A 179 -11.58 -13.92 -2.86
CA ARG A 179 -11.55 -12.71 -2.06
C ARG A 179 -11.59 -11.47 -2.95
N ASP A 180 -12.56 -10.59 -2.69
CA ASP A 180 -12.82 -9.43 -3.53
C ASP A 180 -11.99 -8.25 -3.05
N ILE A 181 -11.36 -7.55 -4.00
CA ILE A 181 -10.53 -6.40 -3.75
C ILE A 181 -11.06 -5.23 -4.58
N PHE A 182 -10.40 -4.07 -4.46
CA PHE A 182 -10.59 -2.88 -5.28
C PHE A 182 -11.98 -2.26 -5.13
N ASP A 183 -12.80 -2.77 -4.20
CA ASP A 183 -14.09 -2.15 -3.91
C ASP A 183 -13.97 -1.04 -2.87
N VAL A 184 -12.86 -1.01 -2.12
CA VAL A 184 -12.61 0.08 -1.19
C VAL A 184 -11.99 1.28 -1.88
N TRP A 185 -11.46 1.10 -3.10
CA TRP A 185 -10.73 2.19 -3.76
C TRP A 185 -11.63 3.37 -4.06
N GLY A 186 -12.93 3.13 -4.27
CA GLY A 186 -13.84 4.23 -4.52
C GLY A 186 -13.90 5.24 -3.40
N ASN A 187 -13.53 4.84 -2.18
CA ASN A 187 -13.48 5.77 -1.06
C ASN A 187 -12.28 6.70 -1.12
N ASP A 188 -11.29 6.40 -1.96
CA ASP A 188 -10.10 7.24 -2.06
C ASP A 188 -10.37 8.42 -2.99
N SER A 189 -9.52 9.45 -2.87
CA SER A 189 -9.71 10.70 -3.58
C SER A 189 -8.80 10.87 -4.79
N ASN A 190 -7.57 10.34 -4.74
CA ASN A 190 -6.65 10.51 -5.86
C ASN A 190 -7.00 9.59 -7.02
N TYR A 191 -7.47 8.39 -6.72
CA TYR A 191 -7.83 7.44 -7.77
C TYR A 191 -8.98 7.99 -8.61
N THR A 192 -9.98 8.57 -7.96
CA THR A 192 -11.11 9.12 -8.70
C THR A 192 -10.71 10.36 -9.47
N LYS A 193 -9.79 11.17 -8.93
CA LYS A 193 -9.28 12.31 -9.69
C LYS A 193 -8.59 11.84 -10.96
N ILE A 194 -7.74 10.81 -10.86
CA ILE A 194 -7.06 10.28 -12.03
C ILE A 194 -8.07 9.75 -13.03
N VAL A 195 -9.08 9.00 -12.56
CA VAL A 195 -10.07 8.43 -13.47
C VAL A 195 -10.83 9.53 -14.18
N ALA A 196 -11.23 10.58 -13.45
CA ALA A 196 -11.98 11.67 -14.06
C ALA A 196 -11.15 12.41 -15.09
N ALA A 197 -9.88 12.71 -14.77
CA ALA A 197 -9.03 13.38 -15.74
C ALA A 197 -8.85 12.54 -16.99
N VAL A 198 -8.62 11.24 -16.83
CA VAL A 198 -8.47 10.35 -17.98
C VAL A 198 -9.74 10.36 -18.81
N ASP A 199 -10.90 10.27 -18.15
CA ASP A 199 -12.16 10.22 -18.87
C ASP A 199 -12.38 11.49 -19.67
N MET A 200 -12.14 12.65 -19.06
CA MET A 200 -12.33 13.91 -19.77
C MET A 200 -11.37 14.01 -20.96
N PHE A 201 -10.10 13.66 -20.75
CA PHE A 201 -9.13 13.80 -21.82
C PHE A 201 -9.46 12.89 -23.00
N PHE A 202 -9.77 11.63 -22.72
CA PHE A 202 -10.10 10.70 -23.79
C PHE A 202 -11.53 10.86 -24.30
N HIS A 203 -12.34 11.71 -23.64
CA HIS A 203 -13.65 12.06 -24.17
C HIS A 203 -13.56 13.22 -25.16
N MET A 204 -12.69 14.18 -24.92
CA MET A 204 -12.54 15.28 -25.87
C MET A 204 -11.86 14.80 -27.15
N PHE A 205 -10.76 14.05 -27.00
CA PHE A 205 -10.04 13.46 -28.14
C PHE A 205 -10.47 12.01 -28.28
N LYS A 206 -11.55 11.79 -29.02
CA LYS A 206 -12.08 10.45 -29.22
C LYS A 206 -11.44 9.71 -30.38
N LYS A 207 -10.69 10.41 -31.24
CA LYS A 207 -10.01 9.78 -32.37
C LYS A 207 -8.63 9.24 -31.99
N HIS A 208 -8.22 9.38 -30.74
CA HIS A 208 -6.92 8.87 -30.32
C HIS A 208 -6.88 7.35 -30.45
N GLU A 209 -5.70 6.84 -30.80
CA GLU A 209 -5.54 5.40 -31.02
C GLU A 209 -5.67 4.60 -29.73
N CYS A 210 -5.44 5.22 -28.57
CA CYS A 210 -5.54 4.56 -27.28
C CYS A 210 -6.87 4.82 -26.60
N ALA A 211 -7.90 5.21 -27.35
CA ALA A 211 -9.19 5.60 -26.78
C ALA A 211 -9.88 4.46 -26.04
N SER A 212 -9.46 3.21 -26.23
CA SER A 212 -10.17 2.09 -25.61
C SER A 212 -10.13 2.15 -24.09
N PHE A 213 -9.20 2.91 -23.52
CA PHE A 213 -9.19 3.09 -22.07
C PHE A 213 -10.52 3.63 -21.59
N ARG A 214 -11.18 4.45 -22.41
CA ARG A 214 -12.45 5.05 -22.03
C ARG A 214 -13.52 4.01 -21.74
N TYR A 215 -13.28 2.74 -22.04
CA TYR A 215 -14.22 1.70 -21.63
C TYR A 215 -14.40 1.68 -20.12
N GLY A 216 -13.37 2.02 -19.36
CA GLY A 216 -13.41 1.89 -17.92
C GLY A 216 -13.86 3.09 -17.13
N THR A 217 -14.04 4.25 -17.78
CA THR A 217 -14.25 5.50 -17.06
C THR A 217 -15.55 6.20 -17.47
N ILE A 218 -16.47 5.51 -18.13
CA ILE A 218 -17.67 6.17 -18.63
C ILE A 218 -18.72 6.38 -17.54
N VAL A 219 -18.65 5.62 -16.45
CA VAL A 219 -19.58 5.82 -15.33
C VAL A 219 -19.27 7.07 -14.52
N SER A 220 -18.09 7.65 -14.69
CA SER A 220 -17.62 8.74 -13.84
C SER A 220 -18.07 10.12 -14.30
N ARG A 221 -18.68 10.24 -15.48
CA ARG A 221 -18.95 11.58 -16.02
C ARG A 221 -20.21 12.17 -15.40
N PHE A 222 -21.35 11.51 -15.56
CA PHE A 222 -22.60 11.93 -14.92
C PHE A 222 -22.79 11.10 -13.65
N LYS A 223 -22.08 11.48 -12.60
CA LYS A 223 -22.21 10.85 -11.30
C LYS A 223 -22.85 11.84 -10.32
N ASP A 224 -23.90 11.39 -9.65
CA ASP A 224 -24.61 12.18 -8.64
C ASP A 224 -25.32 13.39 -9.24
N CYS A 225 -25.54 13.39 -10.56
CA CYS A 225 -26.15 14.50 -11.26
C CYS A 225 -27.40 14.06 -12.04
N ALA A 226 -28.08 13.02 -11.56
CA ALA A 226 -29.20 12.46 -12.30
C ALA A 226 -30.48 13.24 -12.01
N ALA A 227 -30.45 14.56 -12.19
CA ALA A 227 -31.67 15.36 -12.23
C ALA A 227 -31.65 16.21 -13.50
N LEU A 228 -30.46 16.57 -13.97
CA LEU A 228 -30.33 17.24 -15.26
C LEU A 228 -30.65 16.27 -16.40
N ALA A 229 -30.08 15.06 -16.34
CA ALA A 229 -30.39 14.05 -17.34
C ALA A 229 -31.89 13.86 -17.50
N THR A 230 -32.62 13.75 -16.38
CA THR A 230 -34.06 13.55 -16.44
C THR A 230 -34.76 14.75 -17.08
N PHE A 231 -34.35 15.97 -16.71
CA PHE A 231 -34.93 17.15 -17.31
C PHE A 231 -34.73 17.16 -18.82
N GLY A 232 -33.52 16.83 -19.27
CA GLY A 232 -33.26 16.77 -20.70
C GLY A 232 -34.09 15.70 -21.39
N HIS A 233 -34.19 14.52 -20.77
CA HIS A 233 -34.97 13.44 -21.37
C HIS A 233 -36.44 13.83 -21.47
N LEU A 234 -36.96 14.55 -20.47
CA LEU A 234 -38.35 15.01 -20.53
C LEU A 234 -38.51 16.08 -21.61
N CYS A 235 -37.52 16.96 -21.76
CA CYS A 235 -37.59 17.98 -22.81
C CYS A 235 -37.59 17.35 -24.19
N LYS A 236 -36.82 16.26 -24.35
CA LYS A 236 -36.76 15.59 -25.64
C LYS A 236 -38.03 14.80 -25.91
N ILE A 237 -38.52 14.06 -24.92
CA ILE A 237 -39.74 13.28 -25.10
C ILE A 237 -40.91 14.20 -25.42
N THR A 238 -41.10 15.24 -24.60
CA THR A 238 -42.19 16.19 -24.87
C THR A 238 -42.05 16.80 -26.25
N GLY A 239 -40.83 17.18 -26.63
CA GLY A 239 -40.57 17.78 -27.92
C GLY A 239 -40.71 19.28 -27.97
N MET A 240 -41.12 19.91 -26.87
CA MET A 240 -41.29 21.36 -26.81
C MET A 240 -39.97 22.01 -26.41
N SER A 241 -39.96 23.35 -26.47
CA SER A 241 -38.80 24.11 -26.05
C SER A 241 -38.66 24.04 -24.52
N THR A 242 -37.62 24.69 -24.01
CA THR A 242 -37.39 24.68 -22.57
C THR A 242 -38.33 25.63 -21.84
N GLU A 243 -38.74 26.72 -22.48
CA GLU A 243 -39.62 27.67 -21.82
C GLU A 243 -40.99 27.07 -21.53
N ASP A 244 -41.56 26.37 -22.51
CA ASP A 244 -42.84 25.69 -22.28
C ASP A 244 -42.70 24.60 -21.21
N VAL A 245 -41.54 23.94 -21.15
CA VAL A 245 -41.35 22.89 -20.17
C VAL A 245 -41.29 23.47 -18.75
N THR A 246 -40.53 24.55 -18.58
CA THR A 246 -40.44 25.17 -17.25
C THR A 246 -41.73 25.88 -16.87
N THR A 247 -42.53 26.30 -17.85
CA THR A 247 -43.83 26.89 -17.53
C THR A 247 -44.75 25.87 -16.88
N TRP A 248 -44.76 24.64 -17.41
CA TRP A 248 -45.68 23.59 -16.96
C TRP A 248 -45.10 22.92 -15.72
N ILE A 249 -45.31 23.56 -14.57
CA ILE A 249 -44.87 23.04 -13.28
C ILE A 249 -46.07 22.93 -12.35
N LEU A 250 -46.79 24.03 -12.16
CA LEU A 250 -48.04 24.07 -11.41
C LEU A 250 -47.88 23.61 -9.96
N ASN A 251 -46.67 23.69 -9.40
CA ASN A 251 -46.47 23.42 -7.98
C ASN A 251 -45.07 23.89 -7.60
N ARG A 252 -44.96 24.56 -6.46
CA ARG A 252 -43.67 25.12 -6.04
C ARG A 252 -42.89 24.15 -5.15
N GLU A 253 -42.69 22.93 -5.63
CA GLU A 253 -41.73 22.01 -5.04
C GLU A 253 -40.64 21.60 -6.00
N VAL A 254 -41.00 21.29 -7.26
CA VAL A 254 -40.00 21.15 -8.30
C VAL A 254 -39.42 22.51 -8.69
N ALA A 255 -40.16 23.60 -8.42
CA ALA A 255 -39.69 24.93 -8.77
C ALA A 255 -38.56 25.37 -7.84
N ASP A 256 -38.66 25.03 -6.55
CA ASP A 256 -37.56 25.28 -5.64
C ASP A 256 -36.29 24.59 -6.14
N GLU A 257 -36.43 23.33 -6.57
CA GLU A 257 -35.28 22.62 -7.10
C GLU A 257 -34.77 23.27 -8.38
N MET A 258 -35.68 23.74 -9.23
CA MET A 258 -35.26 24.43 -10.45
C MET A 258 -34.45 25.67 -10.13
N VAL A 259 -34.89 26.45 -9.14
CA VAL A 259 -34.15 27.65 -8.73
C VAL A 259 -32.82 27.26 -8.10
N GLN A 260 -32.77 26.11 -7.43
CA GLN A 260 -31.52 25.63 -6.86
C GLN A 260 -30.57 25.12 -7.94
N MET A 261 -31.08 24.73 -9.09
CA MET A 261 -30.29 24.10 -10.15
C MET A 261 -29.90 25.06 -11.27
N MET A 262 -30.48 26.27 -11.30
CA MET A 262 -30.26 27.21 -12.40
C MET A 262 -29.79 28.54 -11.79
N LEU A 263 -28.48 28.69 -11.67
CA LEU A 263 -27.82 29.88 -11.16
C LEU A 263 -26.88 30.43 -12.23
N PRO A 264 -26.56 31.73 -12.17
CA PRO A 264 -25.71 32.32 -13.22
C PRO A 264 -24.45 31.54 -13.51
N GLY A 265 -23.65 31.22 -12.50
CA GLY A 265 -22.45 30.44 -12.73
C GLY A 265 -22.75 28.99 -13.02
N GLN A 266 -21.79 28.10 -12.75
CA GLN A 266 -21.98 26.66 -12.97
C GLN A 266 -22.37 26.38 -14.42
N GLU A 267 -21.46 26.75 -15.32
CA GLU A 267 -21.74 26.73 -16.75
C GLU A 267 -22.14 25.34 -17.22
N ILE A 268 -23.38 25.21 -17.67
CA ILE A 268 -23.89 23.99 -18.27
C ILE A 268 -23.78 24.14 -19.79
N ASP A 269 -23.83 23.01 -20.48
CA ASP A 269 -23.78 22.90 -21.95
C ASP A 269 -22.38 23.08 -22.51
N LYS A 270 -21.35 23.10 -21.67
CA LYS A 270 -19.97 23.22 -22.11
C LYS A 270 -19.32 21.84 -21.93
N ALA A 271 -19.28 21.07 -23.02
CA ALA A 271 -18.78 19.71 -22.94
C ALA A 271 -17.32 19.66 -22.49
N ASP A 272 -16.53 20.66 -22.86
CA ASP A 272 -15.13 20.73 -22.44
C ASP A 272 -15.02 21.62 -21.20
N SER A 273 -15.58 21.11 -20.10
CA SER A 273 -15.59 21.82 -18.82
C SER A 273 -15.39 20.80 -17.70
N TYR A 274 -15.31 21.32 -16.48
CA TYR A 274 -15.17 20.50 -15.28
C TYR A 274 -16.50 20.16 -14.63
N MET A 275 -17.62 20.58 -15.22
CA MET A 275 -18.93 20.39 -14.59
C MET A 275 -19.21 18.92 -14.27
N PRO A 276 -19.30 18.02 -15.27
CA PRO A 276 -19.70 16.64 -14.94
C PRO A 276 -18.79 15.96 -13.93
N TYR A 277 -17.52 16.35 -13.86
CA TYR A 277 -16.57 15.74 -12.95
C TYR A 277 -16.44 16.49 -11.64
N LEU A 278 -17.47 17.24 -11.24
CA LEU A 278 -17.43 17.95 -9.97
C LEU A 278 -17.24 17.00 -8.79
N ILE A 279 -17.82 15.80 -8.87
CA ILE A 279 -17.76 14.85 -7.75
C ILE A 279 -16.35 14.32 -7.58
N ASP A 280 -15.82 13.68 -8.63
CA ASP A 280 -14.55 12.97 -8.50
C ASP A 280 -13.41 13.95 -8.20
N PHE A 281 -13.38 15.09 -8.90
CA PHE A 281 -12.31 16.06 -8.69
C PHE A 281 -12.35 16.70 -7.31
N GLY A 282 -13.44 16.53 -6.56
CA GLY A 282 -13.54 17.08 -5.22
C GLY A 282 -14.03 18.50 -5.13
N LEU A 283 -14.59 19.05 -6.22
CA LEU A 283 -15.03 20.44 -6.21
C LEU A 283 -16.24 20.66 -5.31
N SER A 284 -16.99 19.61 -5.02
CA SER A 284 -18.20 19.74 -4.21
C SER A 284 -18.45 18.45 -3.45
N SER A 285 -18.90 18.59 -2.21
CA SER A 285 -19.23 17.41 -1.40
C SER A 285 -20.59 16.85 -1.79
N LYS A 286 -21.64 17.66 -1.68
CA LYS A 286 -22.99 17.30 -2.08
C LYS A 286 -23.36 18.12 -3.31
N SER A 287 -23.51 17.44 -4.45
CA SER A 287 -23.83 18.14 -5.68
C SER A 287 -25.29 18.58 -5.68
N PRO A 288 -25.59 19.83 -6.04
CA PRO A 288 -26.99 20.30 -5.98
C PRO A 288 -27.92 19.59 -6.93
N TYR A 289 -27.39 18.84 -7.90
CA TYR A 289 -28.21 18.15 -8.90
C TYR A 289 -28.46 16.69 -8.54
N SER A 290 -28.12 16.28 -7.31
CA SER A 290 -28.34 14.91 -6.89
C SER A 290 -29.83 14.61 -6.80
N SER A 291 -30.15 13.32 -6.65
CA SER A 291 -31.53 12.87 -6.52
C SER A 291 -31.98 12.77 -5.07
N VAL A 292 -31.10 13.04 -4.11
CA VAL A 292 -31.48 13.02 -2.70
C VAL A 292 -31.89 14.40 -2.20
N LYS A 293 -31.54 15.46 -2.92
CA LYS A 293 -31.96 16.81 -2.59
C LYS A 293 -32.95 17.39 -3.60
N ASN A 294 -33.25 16.65 -4.67
CA ASN A 294 -34.26 17.05 -5.66
C ASN A 294 -35.20 15.89 -5.92
N PRO A 295 -35.83 15.34 -4.87
CA PRO A 295 -36.69 14.16 -5.09
C PRO A 295 -37.97 14.48 -5.83
N ALA A 296 -38.60 15.62 -5.51
CA ALA A 296 -39.85 15.97 -6.18
C ALA A 296 -39.64 16.21 -7.67
N PHE A 297 -38.58 16.93 -8.03
CA PHE A 297 -38.28 17.17 -9.43
C PHE A 297 -38.04 15.86 -10.17
N HIS A 298 -37.22 14.98 -9.59
CA HIS A 298 -36.93 13.70 -10.23
C HIS A 298 -38.20 12.90 -10.43
N PHE A 299 -39.03 12.82 -9.38
CA PHE A 299 -40.23 11.99 -9.46
C PHE A 299 -41.22 12.53 -10.48
N TRP A 300 -41.45 13.86 -10.46
CA TRP A 300 -42.39 14.44 -11.41
C TRP A 300 -41.88 14.29 -12.85
N GLY A 301 -40.61 14.56 -13.07
CA GLY A 301 -40.06 14.42 -14.41
C GLY A 301 -40.17 13.00 -14.93
N GLN A 302 -39.79 12.02 -14.11
CA GLN A 302 -39.79 10.65 -14.58
C GLN A 302 -41.19 10.06 -14.65
N LEU A 303 -42.15 10.59 -13.88
CA LEU A 303 -43.53 10.13 -14.04
C LEU A 303 -44.14 10.70 -15.30
N THR A 304 -43.88 11.97 -15.60
CA THR A 304 -44.29 12.53 -16.88
C THR A 304 -43.68 11.72 -18.03
N ALA A 305 -42.39 11.41 -17.93
CA ALA A 305 -41.75 10.57 -18.95
C ALA A 305 -42.42 9.21 -19.06
N LEU A 306 -42.79 8.62 -17.93
CA LEU A 306 -43.42 7.31 -17.94
C LEU A 306 -44.79 7.35 -18.61
N LEU A 307 -45.51 8.44 -18.44
CA LEU A 307 -46.87 8.53 -18.99
C LEU A 307 -46.88 8.98 -20.44
N LEU A 308 -45.71 9.15 -21.07
CA LEU A 308 -45.62 9.53 -22.48
C LEU A 308 -44.88 8.46 -23.29
N ARG A 309 -45.10 7.19 -22.96
CA ARG A 309 -44.55 6.06 -23.71
C ARG A 309 -43.03 6.17 -23.85
N SER A 310 -42.37 6.30 -22.72
CA SER A 310 -40.91 6.41 -22.66
C SER A 310 -40.29 5.08 -22.24
N THR A 311 -39.08 4.83 -22.74
CA THR A 311 -38.39 3.58 -22.43
C THR A 311 -37.72 3.63 -21.06
N ARG A 312 -36.85 4.61 -20.85
CA ARG A 312 -36.12 4.75 -19.58
C ARG A 312 -37.02 5.39 -18.51
N ALA A 313 -38.11 4.67 -18.20
CA ALA A 313 -39.01 5.06 -17.13
C ALA A 313 -39.36 3.92 -16.17
N ARG A 314 -39.22 2.66 -16.60
CA ARG A 314 -39.63 1.52 -15.79
C ARG A 314 -38.49 0.95 -14.95
N ASN A 315 -37.37 1.66 -14.84
CA ASN A 315 -36.26 1.23 -14.00
C ASN A 315 -35.78 2.31 -13.05
N ALA A 316 -36.45 3.46 -13.01
CA ALA A 316 -36.12 4.48 -12.02
C ALA A 316 -36.55 4.03 -10.63
N ARG A 317 -36.00 4.70 -9.62
CA ARG A 317 -36.35 4.43 -8.23
C ARG A 317 -37.48 5.35 -7.77
N GLN A 318 -38.05 5.01 -6.61
CA GLN A 318 -39.21 5.70 -6.05
C GLN A 318 -38.78 6.32 -4.72
N PRO A 319 -38.20 7.51 -4.72
CA PRO A 319 -37.81 8.14 -3.46
C PRO A 319 -39.01 8.41 -2.58
N ASP A 320 -38.81 8.32 -1.27
CA ASP A 320 -39.87 8.46 -0.29
C ASP A 320 -39.83 9.86 0.32
N ASP A 321 -40.69 10.09 1.32
CA ASP A 321 -40.80 11.39 1.99
C ASP A 321 -41.20 12.49 1.02
N ILE A 322 -41.98 12.14 0.00
CA ILE A 322 -42.49 13.09 -0.98
C ILE A 322 -43.96 12.79 -1.21
N GLU A 323 -44.76 13.86 -1.32
CA GLU A 323 -46.21 13.72 -1.49
C GLU A 323 -46.51 13.37 -2.94
N TYR A 324 -46.87 12.10 -3.18
CA TYR A 324 -47.10 11.62 -4.53
C TYR A 324 -48.43 12.13 -5.10
N THR A 325 -49.39 12.47 -4.23
CA THR A 325 -50.72 12.84 -4.72
C THR A 325 -50.69 14.15 -5.52
N SER A 326 -49.86 15.10 -5.09
CA SER A 326 -49.86 16.41 -5.74
C SER A 326 -49.01 16.41 -7.00
N LEU A 327 -47.80 15.85 -6.94
CA LEU A 327 -46.97 15.77 -8.14
C LEU A 327 -47.60 14.89 -9.20
N THR A 328 -48.24 13.80 -8.78
CA THR A 328 -48.85 12.88 -9.73
C THR A 328 -49.94 13.57 -10.54
N THR A 329 -50.77 14.39 -9.88
CA THR A 329 -51.86 15.05 -10.59
C THR A 329 -51.32 16.02 -11.64
N ALA A 330 -50.32 16.83 -11.27
CA ALA A 330 -49.74 17.76 -12.23
C ALA A 330 -49.09 17.01 -13.39
N GLY A 331 -48.35 15.94 -13.10
CA GLY A 331 -47.75 15.16 -14.16
C GLY A 331 -48.77 14.57 -15.11
N LEU A 332 -49.86 14.03 -14.56
CA LEU A 332 -50.91 13.47 -15.39
C LEU A 332 -51.55 14.55 -16.26
N LEU A 333 -51.90 15.68 -15.65
CA LEU A 333 -52.49 16.79 -16.40
C LEU A 333 -51.58 17.19 -17.57
N TYR A 334 -50.30 17.40 -17.29
CA TYR A 334 -49.38 17.82 -18.35
C TYR A 334 -49.24 16.76 -19.43
N ALA A 335 -49.15 15.48 -19.03
CA ALA A 335 -49.03 14.41 -20.01
C ALA A 335 -50.26 14.37 -20.92
N TYR A 336 -51.46 14.47 -20.34
CA TYR A 336 -52.67 14.49 -21.14
C TYR A 336 -52.70 15.71 -22.05
N ALA A 337 -52.23 16.86 -21.54
CA ALA A 337 -52.26 18.08 -22.33
C ALA A 337 -51.37 17.95 -23.57
N VAL A 338 -50.16 17.39 -23.39
CA VAL A 338 -49.24 17.30 -24.51
C VAL A 338 -49.63 16.16 -25.44
N GLY A 339 -50.05 15.02 -24.90
CA GLY A 339 -50.46 13.87 -25.68
C GLY A 339 -51.90 13.84 -26.11
N SER A 340 -52.62 14.97 -26.02
CA SER A 340 -54.01 15.02 -26.47
C SER A 340 -54.30 16.17 -27.41
N SER A 341 -53.30 16.99 -27.74
CA SER A 341 -53.47 18.06 -28.72
C SER A 341 -52.18 18.21 -29.50
N ALA A 342 -52.24 17.97 -30.80
CA ALA A 342 -51.09 18.11 -31.69
C ALA A 342 -51.14 19.48 -32.35
N ASP A 343 -50.05 20.24 -32.23
CA ASP A 343 -49.99 21.59 -32.79
C ASP A 343 -49.61 21.51 -34.26
N LEU A 344 -50.56 21.86 -35.13
CA LEU A 344 -50.31 21.99 -36.55
C LEU A 344 -50.50 23.44 -36.97
N ALA A 345 -49.67 23.92 -37.88
CA ALA A 345 -49.70 25.30 -38.35
C ALA A 345 -48.67 25.42 -39.47
N GLN A 346 -48.67 26.59 -40.11
CA GLN A 346 -47.67 26.87 -41.14
C GLN A 346 -46.37 27.29 -40.50
N GLN A 347 -45.27 26.75 -41.02
CA GLN A 347 -43.94 26.96 -40.45
C GLN A 347 -43.06 27.81 -41.35
N PHE A 348 -42.91 27.44 -42.62
CA PHE A 348 -42.23 28.27 -43.61
C PHE A 348 -43.25 28.75 -44.63
N CYS A 349 -43.21 30.05 -44.92
CA CYS A 349 -44.20 30.70 -45.78
C CYS A 349 -43.50 31.23 -47.04
N VAL A 350 -44.10 30.96 -48.19
CA VAL A 350 -43.66 31.59 -49.44
C VAL A 350 -44.07 33.06 -49.34
N GLY A 351 -43.51 33.91 -50.20
CA GLY A 351 -43.62 35.35 -50.02
C GLY A 351 -45.01 35.86 -49.77
N ASP A 352 -45.23 36.38 -48.57
CA ASP A 352 -46.50 37.00 -48.18
C ASP A 352 -47.69 36.06 -48.44
N ASN A 353 -47.52 34.79 -48.07
CA ASN A 353 -48.61 33.82 -48.17
C ASN A 353 -48.70 32.95 -46.92
N LYS A 354 -48.29 33.47 -45.77
CA LYS A 354 -48.38 32.71 -44.53
C LYS A 354 -49.84 32.41 -44.22
N TYR A 355 -50.16 31.13 -44.04
CA TYR A 355 -51.51 30.75 -43.67
C TYR A 355 -51.86 31.32 -42.29
N THR A 356 -53.07 31.86 -42.17
CA THR A 356 -53.58 32.33 -40.89
C THR A 356 -54.64 31.39 -40.37
N PRO A 357 -54.63 31.03 -39.08
CA PRO A 357 -55.72 30.21 -38.55
C PRO A 357 -57.06 30.91 -38.68
N ASP A 358 -57.98 30.30 -39.44
CA ASP A 358 -59.32 30.84 -39.62
C ASP A 358 -60.23 30.17 -38.60
N ASP A 359 -60.14 30.64 -37.36
CA ASP A 359 -60.96 30.12 -36.25
C ASP A 359 -61.36 31.29 -35.38
N SER A 360 -62.56 31.83 -35.63
CA SER A 360 -63.15 32.82 -34.74
C SER A 360 -64.55 32.38 -34.34
N THR A 361 -65.21 31.65 -35.23
CA THR A 361 -66.44 30.93 -34.90
C THR A 361 -66.08 29.54 -34.40
N GLY A 362 -66.54 29.19 -33.21
CA GLY A 362 -66.28 27.87 -32.67
C GLY A 362 -67.45 27.37 -31.85
N GLY A 363 -67.35 26.11 -31.45
CA GLY A 363 -68.38 25.49 -30.64
C GLY A 363 -67.81 24.72 -29.45
N LEU A 364 -66.58 25.03 -29.06
CA LEU A 364 -65.94 24.33 -27.95
C LEU A 364 -66.20 25.03 -26.62
N THR A 365 -67.48 25.25 -26.32
CA THR A 365 -67.90 25.72 -25.01
C THR A 365 -68.19 24.58 -24.04
N THR A 366 -68.24 23.35 -24.53
CA THR A 366 -68.55 22.19 -23.69
C THR A 366 -67.29 21.74 -22.96
N ASN A 367 -67.37 20.57 -22.31
CA ASN A 367 -66.26 20.03 -21.55
C ASN A 367 -65.14 19.47 -22.43
N ALA A 368 -65.32 19.46 -23.75
CA ALA A 368 -64.32 18.87 -24.62
C ALA A 368 -63.00 19.62 -24.51
N PRO A 369 -61.87 18.98 -24.83
CA PRO A 369 -60.57 19.60 -24.58
C PRO A 369 -60.37 20.84 -25.44
N PRO A 370 -59.45 21.72 -25.06
CA PRO A 370 -59.07 22.84 -25.92
C PRO A 370 -57.90 22.50 -26.83
N GLN A 371 -57.92 23.10 -28.02
CA GLN A 371 -56.83 22.89 -28.96
C GLN A 371 -55.67 23.82 -28.62
N GLY A 372 -54.47 23.40 -29.03
CA GLY A 372 -53.25 24.08 -28.64
C GLY A 372 -52.79 23.67 -27.26
N ARG A 373 -51.59 24.12 -26.92
CA ARG A 373 -50.93 23.76 -25.67
C ARG A 373 -50.47 25.02 -24.96
N ASP A 374 -51.18 25.40 -23.91
CA ASP A 374 -50.82 26.57 -23.12
C ASP A 374 -51.43 26.41 -21.73
N VAL A 375 -50.62 26.69 -20.69
CA VAL A 375 -51.09 26.53 -19.32
C VAL A 375 -52.29 27.42 -19.03
N VAL A 376 -52.34 28.61 -19.65
CA VAL A 376 -53.41 29.55 -19.35
C VAL A 376 -54.76 28.94 -19.67
N GLU A 377 -54.90 28.34 -20.85
CA GLU A 377 -56.19 27.78 -21.26
C GLU A 377 -56.44 26.40 -20.68
N TRP A 378 -55.43 25.72 -20.16
CA TRP A 378 -55.65 24.42 -19.53
C TRP A 378 -56.10 24.57 -18.08
N LEU A 379 -55.45 25.47 -17.33
CA LEU A 379 -55.89 25.72 -15.96
C LEU A 379 -57.35 26.16 -15.92
N GLY A 380 -57.76 26.96 -16.91
CA GLY A 380 -59.16 27.36 -16.97
C GLY A 380 -60.09 26.18 -17.15
N TRP A 381 -59.77 25.31 -18.11
CA TRP A 381 -60.62 24.14 -18.35
C TRP A 381 -60.58 23.18 -17.17
N PHE A 382 -59.43 23.03 -16.54
CA PHE A 382 -59.33 22.16 -15.37
C PHE A 382 -60.19 22.70 -14.22
N GLU A 383 -60.11 24.00 -13.97
CA GLU A 383 -60.90 24.60 -12.90
C GLU A 383 -62.39 24.49 -13.19
N ASP A 384 -62.80 24.83 -14.42
CA ASP A 384 -64.21 24.78 -14.77
C ASP A 384 -64.76 23.36 -14.65
N GLN A 385 -63.91 22.34 -14.81
CA GLN A 385 -64.33 20.96 -14.68
C GLN A 385 -63.88 20.35 -13.35
N ASN A 386 -63.84 21.16 -12.29
CA ASN A 386 -63.40 20.71 -10.97
C ASN A 386 -62.03 20.04 -11.02
N ARG A 387 -61.57 19.54 -9.88
CA ARG A 387 -60.28 18.86 -9.80
C ARG A 387 -60.36 17.39 -10.19
N LYS A 388 -61.55 16.86 -10.42
CA LYS A 388 -61.69 15.44 -10.72
C LYS A 388 -61.12 15.14 -12.11
N PRO A 389 -60.18 14.20 -12.24
CA PRO A 389 -59.74 13.80 -13.58
C PRO A 389 -60.89 13.24 -14.40
N THR A 390 -60.88 13.55 -15.69
CA THR A 390 -61.93 13.06 -16.57
C THR A 390 -61.81 11.54 -16.74
N PRO A 391 -62.94 10.84 -16.90
CA PRO A 391 -62.84 9.40 -17.21
C PRO A 391 -62.01 9.11 -18.45
N ASP A 392 -62.09 9.96 -19.47
CA ASP A 392 -61.26 9.78 -20.66
C ASP A 392 -59.79 9.89 -20.31
N MET A 393 -59.44 10.83 -19.42
CA MET A 393 -58.04 10.96 -19.01
C MET A 393 -57.55 9.69 -18.34
N MET A 394 -58.36 9.09 -17.48
CA MET A 394 -57.94 7.87 -16.79
C MET A 394 -57.87 6.70 -17.75
N GLN A 395 -58.79 6.64 -18.73
CA GLN A 395 -58.70 5.61 -19.75
C GLN A 395 -57.41 5.74 -20.55
N TYR A 396 -57.05 6.97 -20.93
CA TYR A 396 -55.79 7.19 -21.64
C TYR A 396 -54.60 6.78 -20.78
N ALA A 397 -54.60 7.14 -19.51
CA ALA A 397 -53.51 6.76 -18.62
C ALA A 397 -53.40 5.25 -18.51
N LYS A 398 -54.53 4.55 -18.39
CA LYS A 398 -54.51 3.11 -18.24
C LYS A 398 -54.02 2.42 -19.51
N ARG A 399 -54.53 2.85 -20.67
CA ARG A 399 -54.07 2.27 -21.93
C ARG A 399 -52.62 2.62 -22.22
N ALA A 400 -52.10 3.70 -21.63
CA ALA A 400 -50.70 4.04 -21.80
C ALA A 400 -49.78 3.13 -20.98
N VAL A 401 -50.30 2.48 -19.95
CA VAL A 401 -49.54 1.58 -19.10
C VAL A 401 -50.18 0.20 -19.04
N MET A 402 -50.97 -0.15 -20.06
CA MET A 402 -51.67 -1.43 -20.06
C MET A 402 -50.69 -2.60 -19.96
N SER A 403 -49.68 -2.62 -20.82
CA SER A 403 -48.75 -3.73 -20.93
C SER A 403 -47.39 -3.31 -20.40
N LEU A 404 -46.91 -4.04 -19.39
CA LEU A 404 -45.57 -3.83 -18.84
C LEU A 404 -45.04 -5.18 -18.38
N GLN A 405 -43.89 -5.58 -18.91
CA GLN A 405 -43.34 -6.91 -18.64
C GLN A 405 -42.52 -6.93 -17.35
N GLY A 406 -41.50 -6.08 -17.26
CA GLY A 406 -40.58 -6.09 -16.14
C GLY A 406 -40.86 -4.96 -15.17
N LEU A 407 -40.77 -5.27 -13.88
CA LEU A 407 -40.98 -4.29 -12.82
C LEU A 407 -40.12 -4.68 -11.62
N ARG A 408 -39.69 -3.67 -10.87
CA ARG A 408 -38.80 -3.86 -9.73
C ARG A 408 -39.35 -3.11 -8.53
N GLU A 409 -39.16 -3.69 -7.35
CA GLU A 409 -39.74 -3.14 -6.13
C GLU A 409 -39.22 -1.72 -5.87
N LYS A 410 -40.14 -0.83 -5.49
CA LYS A 410 -39.85 0.58 -5.26
C LYS A 410 -39.31 1.25 -6.52
N THR A 411 -40.04 1.07 -7.62
CA THR A 411 -39.75 1.73 -8.88
C THR A 411 -40.96 2.55 -9.30
N ILE A 412 -40.71 3.61 -10.09
CA ILE A 412 -41.79 4.45 -10.56
C ILE A 412 -42.76 3.64 -11.42
N GLY A 413 -42.23 2.67 -12.17
CA GLY A 413 -43.09 1.75 -12.88
C GLY A 413 -44.01 0.99 -11.95
N LYS A 414 -43.47 0.53 -10.82
CA LYS A 414 -44.28 -0.19 -9.84
C LYS A 414 -45.39 0.72 -9.28
N TYR A 415 -45.03 1.95 -8.90
CA TYR A 415 -46.04 2.88 -8.40
C TYR A 415 -47.13 3.13 -9.43
N ALA A 416 -46.74 3.35 -10.69
CA ALA A 416 -47.72 3.61 -11.73
C ALA A 416 -48.64 2.41 -11.93
N LYS A 417 -48.07 1.21 -12.03
CA LYS A 417 -48.87 0.00 -12.17
C LYS A 417 -49.73 -0.26 -10.94
N SER A 418 -49.36 0.30 -9.79
CA SER A 418 -50.14 0.09 -8.58
C SER A 418 -51.33 1.03 -8.49
N GLU A 419 -51.13 2.30 -8.85
CA GLU A 419 -52.17 3.31 -8.68
C GLU A 419 -52.97 3.57 -9.95
N PHE A 420 -52.32 3.59 -11.11
CA PHE A 420 -53.02 3.91 -12.36
C PHE A 420 -53.59 2.69 -13.06
N ASP A 421 -52.97 1.52 -12.90
CA ASP A 421 -53.49 0.32 -13.54
C ASP A 421 -54.75 -0.21 -12.88
N LYS A 422 -55.13 0.32 -11.72
CA LYS A 422 -56.32 -0.12 -11.00
C LYS A 422 -57.55 -0.11 -11.91
N LYS B 43 28.78 11.84 -12.25
CA LYS B 43 29.70 12.94 -12.45
C LYS B 43 30.09 13.10 -13.92
N SER B 44 29.99 12.00 -14.67
CA SER B 44 30.33 12.05 -16.09
C SER B 44 29.34 12.91 -16.88
N TYR B 45 28.17 13.19 -16.33
CA TYR B 45 27.19 14.08 -16.93
C TYR B 45 26.93 15.26 -16.00
N PHE B 46 26.01 16.13 -16.39
CA PHE B 46 25.60 17.27 -15.60
C PHE B 46 24.20 17.06 -15.05
N GLY B 47 23.95 17.53 -13.84
CA GLY B 47 22.63 17.48 -13.26
C GLY B 47 22.18 16.14 -12.74
N VAL B 48 23.06 15.13 -12.74
CA VAL B 48 22.68 13.77 -12.36
C VAL B 48 22.84 13.69 -10.84
N ASP B 49 21.78 14.07 -10.13
CA ASP B 49 21.76 14.25 -8.68
C ASP B 49 22.99 14.94 -8.10
N GLU B 50 22.86 15.45 -6.88
CA GLU B 50 23.94 16.14 -6.19
C GLU B 50 23.83 15.83 -4.71
N MET B 51 24.94 15.37 -4.11
CA MET B 51 25.02 15.17 -2.67
C MET B 51 24.19 13.98 -2.19
N ASP B 52 22.87 14.04 -2.37
CA ASP B 52 21.93 13.19 -1.65
C ASP B 52 22.05 13.44 -0.14
N THR B 53 21.79 14.69 0.23
CA THR B 53 21.91 15.20 1.60
C THR B 53 21.32 14.24 2.63
N TYR B 54 20.23 13.55 2.27
CA TYR B 54 19.57 12.66 3.20
C TYR B 54 20.51 11.62 3.79
N ASP B 55 21.68 11.40 3.17
CA ASP B 55 22.73 10.57 3.72
C ASP B 55 22.28 9.14 3.98
N PRO B 56 21.76 8.42 2.96
CA PRO B 56 21.50 6.99 3.15
C PRO B 56 22.71 6.22 3.65
N ASN B 57 23.92 6.66 3.27
CA ASN B 57 25.16 5.96 3.62
C ASN B 57 25.51 6.25 5.07
N GLN B 58 24.94 5.45 5.98
CA GLN B 58 25.22 5.57 7.40
C GLN B 58 24.62 4.38 8.12
N LEU B 59 25.24 4.03 9.26
CA LEU B 59 24.83 2.84 9.99
C LEU B 59 23.45 3.03 10.61
N ARG B 60 22.58 2.05 10.40
CA ARG B 60 21.25 2.01 11.00
C ARG B 60 21.00 0.62 11.56
N TYR B 61 20.39 0.56 12.74
CA TYR B 61 20.13 -0.69 13.43
C TYR B 61 18.67 -1.08 13.26
N GLU B 62 18.42 -2.38 13.15
CA GLU B 62 17.07 -2.91 12.94
C GLU B 62 16.88 -4.17 13.75
N LYS B 63 15.97 -4.14 14.71
CA LYS B 63 15.65 -5.30 15.54
C LYS B 63 14.44 -6.02 14.96
N PHE B 64 14.42 -7.34 15.12
CA PHE B 64 13.36 -8.13 14.51
C PHE B 64 13.41 -9.56 15.00
N PHE B 65 12.24 -10.19 15.08
CA PHE B 65 12.14 -11.62 15.27
C PHE B 65 12.33 -12.34 13.94
N PHE B 66 12.97 -13.51 14.00
CA PHE B 66 13.23 -14.35 12.85
C PHE B 66 12.89 -15.79 13.18
N THR B 67 12.35 -16.51 12.19
CA THR B 67 12.09 -17.94 12.29
C THR B 67 12.40 -18.58 10.94
N VAL B 68 13.07 -19.74 10.97
CA VAL B 68 13.67 -20.33 9.79
C VAL B 68 13.47 -21.84 9.84
N LYS B 69 13.27 -22.45 8.67
CA LYS B 69 13.24 -23.89 8.55
C LYS B 69 13.68 -24.26 7.13
N MET B 70 14.66 -25.14 7.02
CA MET B 70 15.29 -25.45 5.75
C MET B 70 15.44 -26.96 5.58
N THR B 71 15.29 -27.42 4.35
CA THR B 71 15.46 -28.82 4.00
C THR B 71 16.16 -28.92 2.66
N VAL B 72 17.10 -29.87 2.56
CA VAL B 72 17.87 -30.10 1.34
C VAL B 72 17.86 -31.59 1.07
N ARG B 73 17.57 -31.97 -0.18
CA ARG B 73 17.49 -33.36 -0.59
C ARG B 73 18.39 -33.58 -1.79
N SER B 74 19.20 -34.65 -1.76
CA SER B 74 20.08 -34.98 -2.86
C SER B 74 20.65 -36.37 -2.64
N ASN B 75 21.53 -36.79 -3.54
CA ASN B 75 22.23 -38.07 -3.51
C ASN B 75 23.72 -37.82 -3.29
N ARG B 76 24.51 -38.92 -3.32
CA ARG B 76 25.97 -38.84 -3.25
C ARG B 76 26.40 -37.94 -2.10
N PRO B 77 26.25 -38.39 -0.84
CA PRO B 77 26.09 -37.45 0.29
C PRO B 77 27.17 -36.38 0.38
N PHE B 78 26.87 -35.37 1.19
CA PHE B 78 27.26 -33.98 0.91
C PHE B 78 28.58 -33.68 1.58
N ARG B 79 29.67 -33.73 0.81
CA ARG B 79 31.02 -33.55 1.34
C ARG B 79 31.38 -32.07 1.42
N THR B 80 31.90 -31.65 2.58
CA THR B 80 32.49 -30.33 2.78
C THR B 80 31.44 -29.23 2.86
N TYR B 81 31.83 -28.07 3.40
CA TYR B 81 30.91 -26.96 3.62
C TYR B 81 30.85 -25.96 2.48
N SER B 82 31.93 -25.82 1.69
CA SER B 82 31.86 -24.92 0.54
C SER B 82 30.71 -25.32 -0.38
N ASP B 83 30.47 -26.62 -0.53
CA ASP B 83 29.32 -27.08 -1.29
C ASP B 83 28.01 -26.62 -0.68
N VAL B 84 27.96 -26.48 0.66
CA VAL B 84 26.73 -25.98 1.27
C VAL B 84 26.39 -24.60 0.74
N ALA B 85 27.37 -23.70 0.77
CA ALA B 85 27.17 -22.36 0.25
C ALA B 85 26.82 -22.39 -1.23
N ALA B 86 27.57 -23.19 -2.01
CA ALA B 86 27.35 -23.22 -3.45
C ALA B 86 25.93 -23.69 -3.77
N ALA B 87 25.46 -24.74 -3.10
CA ALA B 87 24.12 -25.25 -3.34
C ALA B 87 23.06 -24.25 -2.90
N VAL B 88 23.14 -23.77 -1.66
CA VAL B 88 22.10 -22.87 -1.15
C VAL B 88 22.09 -21.55 -1.90
N SER B 89 23.18 -21.18 -2.58
CA SER B 89 23.22 -19.90 -3.29
C SER B 89 22.16 -19.80 -4.38
N HIS B 90 21.58 -20.93 -4.81
CA HIS B 90 20.57 -20.93 -5.87
C HIS B 90 19.16 -21.05 -5.31
N TRP B 91 18.92 -20.52 -4.11
CA TRP B 91 17.58 -20.48 -3.55
C TRP B 91 16.73 -19.35 -4.14
N ASP B 92 17.36 -18.36 -4.77
CA ASP B 92 16.68 -17.17 -5.27
C ASP B 92 17.12 -16.87 -6.69
N HIS B 93 17.17 -17.90 -7.53
CA HIS B 93 17.52 -17.70 -8.93
C HIS B 93 16.52 -16.77 -9.62
N MET B 94 15.23 -16.96 -9.34
CA MET B 94 14.15 -16.09 -9.83
C MET B 94 13.39 -15.64 -8.59
N TYR B 95 13.82 -14.53 -8.01
CA TYR B 95 13.27 -14.08 -6.74
C TYR B 95 11.88 -13.49 -6.93
N ILE B 96 10.93 -13.93 -6.12
CA ILE B 96 9.55 -13.46 -6.20
C ILE B 96 9.08 -13.03 -4.81
N GLY B 97 10.02 -12.86 -3.88
CA GLY B 97 9.69 -12.49 -2.52
C GLY B 97 9.40 -11.01 -2.38
N MET B 98 9.01 -10.63 -1.16
CA MET B 98 8.67 -9.24 -0.85
C MET B 98 9.94 -8.41 -0.85
N ALA B 99 10.09 -7.54 -1.85
CA ALA B 99 11.27 -6.71 -1.95
C ALA B 99 11.46 -5.87 -0.69
N GLY B 100 12.68 -5.38 -0.50
CA GLY B 100 13.07 -4.73 0.72
C GLY B 100 13.58 -5.67 1.79
N LYS B 101 13.29 -6.96 1.68
CA LYS B 101 13.73 -7.97 2.62
C LYS B 101 14.88 -8.82 2.09
N ARG B 102 15.32 -8.58 0.86
CA ARG B 102 16.39 -9.39 0.27
C ARG B 102 17.63 -9.48 1.13
N PRO B 103 18.18 -8.39 1.67
CA PRO B 103 19.34 -8.55 2.57
C PRO B 103 19.02 -9.44 3.77
N PHE B 104 17.85 -9.23 4.39
CA PHE B 104 17.47 -10.05 5.52
C PHE B 104 17.31 -11.51 5.12
N TYR B 105 16.70 -11.76 3.98
CA TYR B 105 16.49 -13.14 3.53
C TYR B 105 17.83 -13.82 3.25
N LYS B 106 18.77 -13.09 2.63
CA LYS B 106 20.08 -13.67 2.34
C LYS B 106 20.83 -13.98 3.62
N ILE B 107 20.86 -13.04 4.56
CA ILE B 107 21.49 -13.27 5.86
C ILE B 107 20.86 -14.49 6.54
N LEU B 108 19.53 -14.59 6.48
CA LEU B 108 18.83 -15.68 7.14
C LEU B 108 19.16 -17.02 6.50
N ALA B 109 19.23 -17.06 5.17
CA ALA B 109 19.62 -18.29 4.48
C ALA B 109 21.05 -18.68 4.86
N PHE B 110 21.95 -17.70 4.97
CA PHE B 110 23.31 -17.99 5.41
C PHE B 110 23.32 -18.58 6.81
N LEU B 111 22.56 -17.97 7.73
CA LEU B 111 22.49 -18.48 9.09
C LEU B 111 21.97 -19.91 9.11
N GLY B 112 20.90 -20.17 8.37
CA GLY B 112 20.33 -21.51 8.37
C GLY B 112 21.28 -22.54 7.76
N SER B 113 21.98 -22.17 6.71
CA SER B 113 22.97 -23.06 6.12
C SER B 113 24.12 -23.32 7.09
N SER B 114 24.44 -22.34 7.93
CA SER B 114 25.55 -22.49 8.87
C SER B 114 25.37 -23.71 9.76
N ASN B 115 24.21 -23.83 10.41
CA ASN B 115 24.00 -24.76 11.51
C ASN B 115 22.99 -25.85 11.17
N LEU B 116 23.04 -26.36 9.93
CA LEU B 116 22.15 -27.44 9.52
C LEU B 116 22.65 -28.78 10.06
N LYS B 117 21.71 -29.60 10.54
CA LYS B 117 22.02 -30.89 11.12
C LYS B 117 21.51 -32.01 10.21
N ALA B 118 22.41 -32.92 9.83
CA ALA B 118 22.03 -34.04 8.99
C ALA B 118 21.14 -35.01 9.75
N THR B 119 20.19 -35.60 9.02
CA THR B 119 19.26 -36.56 9.60
C THR B 119 19.93 -37.92 9.78
N PRO B 120 19.40 -38.76 10.68
CA PRO B 120 20.00 -40.09 10.88
C PRO B 120 20.05 -40.93 9.61
N ALA B 121 19.09 -40.74 8.70
CA ALA B 121 19.08 -41.52 7.47
C ALA B 121 20.40 -41.40 6.71
N VAL B 122 21.03 -40.22 6.76
CA VAL B 122 22.33 -40.06 6.12
C VAL B 122 23.33 -41.06 6.67
N LEU B 123 23.36 -41.22 7.99
CA LEU B 123 24.25 -42.21 8.60
C LEU B 123 23.83 -43.62 8.23
N ALA B 124 22.52 -43.90 8.24
CA ALA B 124 22.04 -45.27 8.05
C ALA B 124 22.11 -45.69 6.60
N ASP B 125 21.56 -44.88 5.69
CA ASP B 125 21.54 -45.18 4.27
C ASP B 125 22.11 -44.00 3.48
N GLN B 126 22.89 -44.32 2.44
CA GLN B 126 23.47 -43.31 1.58
C GLN B 126 22.69 -43.13 0.27
N GLY B 127 21.62 -43.89 0.07
CA GLY B 127 20.88 -43.79 -1.17
C GLY B 127 20.26 -42.42 -1.37
N GLN B 128 19.52 -41.94 -0.36
CA GLN B 128 18.88 -40.62 -0.41
C GLN B 128 19.12 -39.90 0.90
N PRO B 129 20.24 -39.20 1.05
CA PRO B 129 20.45 -38.39 2.25
C PRO B 129 19.44 -37.25 2.32
N GLU B 130 19.41 -36.61 3.50
CA GLU B 130 18.56 -35.45 3.72
C GLU B 130 19.22 -34.57 4.78
N TYR B 131 19.14 -33.26 4.58
CA TYR B 131 19.68 -32.30 5.54
C TYR B 131 18.58 -31.35 5.98
N HIS B 132 18.48 -31.14 7.30
CA HIS B 132 17.43 -30.32 7.87
C HIS B 132 18.04 -29.24 8.77
N ALA B 133 17.30 -28.15 8.93
CA ALA B 133 17.72 -27.06 9.80
C ALA B 133 16.48 -26.31 10.27
N HIS B 134 16.59 -25.70 11.45
CA HIS B 134 15.47 -24.98 12.04
C HIS B 134 16.01 -24.02 13.09
N CYS B 135 15.50 -22.79 13.09
CA CYS B 135 16.01 -21.76 13.99
C CYS B 135 14.89 -20.77 14.30
N GLU B 136 15.05 -20.05 15.41
CA GLU B 136 14.09 -19.04 15.81
C GLU B 136 14.69 -18.18 16.91
N GLY B 137 14.42 -16.88 16.85
CA GLY B 137 14.91 -15.99 17.88
C GLY B 137 14.63 -14.54 17.53
N ARG B 138 15.31 -13.65 18.26
CA ARG B 138 15.22 -12.22 18.06
C ARG B 138 16.63 -11.66 17.89
N ALA B 139 16.87 -10.95 16.79
CA ALA B 139 18.19 -10.41 16.52
C ALA B 139 18.07 -8.98 16.00
N TYR B 140 19.15 -8.23 16.16
CA TYR B 140 19.25 -6.86 15.67
C TYR B 140 20.48 -6.75 14.78
N LEU B 141 20.28 -6.16 13.60
CA LEU B 141 21.30 -6.10 12.57
C LEU B 141 21.65 -4.66 12.25
N PRO B 142 22.94 -4.31 12.13
CA PRO B 142 23.31 -3.02 11.54
C PRO B 142 23.50 -3.13 10.03
N HIS B 143 22.99 -2.14 9.31
CA HIS B 143 23.13 -2.10 7.86
C HIS B 143 23.07 -0.65 7.40
N ARG B 144 23.48 -0.43 6.14
CA ARG B 144 23.43 0.88 5.53
C ARG B 144 22.82 0.83 4.13
N MET B 145 22.11 -0.24 3.79
CA MET B 145 21.47 -0.35 2.49
C MET B 145 20.58 0.85 2.23
N GLY B 146 19.76 1.24 3.20
CA GLY B 146 18.80 2.29 3.03
C GLY B 146 17.82 2.36 4.18
N LYS B 147 16.52 2.45 3.87
CA LYS B 147 15.47 2.44 4.88
C LYS B 147 14.47 1.35 4.50
N THR B 148 14.14 0.51 5.47
CA THR B 148 13.21 -0.60 5.24
C THR B 148 11.79 -0.18 5.60
N PRO B 149 10.80 -0.45 4.75
CA PRO B 149 9.42 -0.07 5.09
C PRO B 149 8.88 -0.95 6.21
N PRO B 150 7.66 -0.69 6.67
CA PRO B 150 7.08 -1.54 7.72
C PRO B 150 6.98 -2.98 7.25
N MET B 151 7.29 -3.90 8.17
CA MET B 151 7.28 -5.33 7.87
C MET B 151 5.92 -5.91 8.24
N LEU B 152 5.79 -7.23 8.15
CA LEU B 152 4.58 -7.92 8.55
C LEU B 152 4.92 -9.35 8.93
N ASN B 153 4.10 -9.91 9.82
CA ASN B 153 4.30 -11.28 10.31
C ASN B 153 3.62 -12.28 9.38
N VAL B 154 4.17 -12.38 8.17
CA VAL B 154 3.65 -13.31 7.17
C VAL B 154 4.73 -14.33 6.83
N PRO B 155 4.41 -15.61 6.64
CA PRO B 155 5.42 -16.57 6.22
C PRO B 155 5.70 -16.49 4.72
N GLU B 156 6.91 -16.93 4.36
CA GLU B 156 7.33 -17.01 2.97
C GLU B 156 7.97 -18.38 2.72
N HIS B 157 7.56 -19.03 1.65
CA HIS B 157 8.07 -20.35 1.27
C HIS B 157 8.80 -20.25 -0.06
N PHE B 158 9.93 -20.95 -0.17
CA PHE B 158 10.69 -21.05 -1.41
C PHE B 158 11.10 -22.50 -1.63
N ARG B 159 11.09 -22.93 -2.88
CA ARG B 159 11.44 -24.31 -3.22
C ARG B 159 12.02 -24.32 -4.64
N ARG B 160 13.25 -24.81 -4.79
CA ARG B 160 13.89 -24.82 -6.09
C ARG B 160 14.77 -26.06 -6.26
N PRO B 161 14.90 -26.57 -7.49
CA PRO B 161 15.94 -27.57 -7.77
C PRO B 161 17.29 -26.92 -8.04
N PHE B 162 18.34 -27.73 -7.85
CA PHE B 162 19.70 -27.27 -8.12
C PHE B 162 20.45 -28.37 -8.85
N ASN B 163 21.48 -27.95 -9.59
CA ASN B 163 22.43 -28.88 -10.19
C ASN B 163 23.75 -28.11 -10.33
N ILE B 164 24.68 -28.40 -9.43
CA ILE B 164 26.02 -27.80 -9.44
C ILE B 164 26.99 -28.94 -9.72
N GLY B 165 27.43 -29.05 -10.98
CA GLY B 165 28.41 -30.06 -11.33
C GLY B 165 27.98 -31.46 -10.93
N LEU B 166 28.67 -32.03 -9.96
CA LEU B 166 28.37 -33.40 -9.55
C LEU B 166 27.09 -33.49 -8.73
N TYR B 167 26.76 -32.44 -7.98
CA TYR B 167 25.62 -32.49 -7.06
C TYR B 167 24.35 -32.01 -7.74
N LYS B 168 23.23 -32.66 -7.41
CA LYS B 168 21.92 -32.28 -7.90
C LYS B 168 20.88 -32.59 -6.82
N GLY B 169 19.81 -31.79 -6.79
CA GLY B 169 18.79 -32.04 -5.78
C GLY B 169 17.81 -30.89 -5.65
N THR B 170 17.23 -30.77 -4.45
CA THR B 170 16.22 -29.77 -4.15
C THR B 170 16.53 -29.04 -2.84
N ILE B 171 16.14 -27.76 -2.80
CA ILE B 171 16.14 -26.95 -1.58
C ILE B 171 14.71 -26.49 -1.33
N GLU B 172 14.31 -26.50 -0.05
CA GLU B 172 13.00 -26.00 0.37
C GLU B 172 13.16 -25.26 1.69
N LEU B 173 12.93 -23.93 1.67
CA LEU B 173 13.01 -23.09 2.85
C LEU B 173 11.65 -22.46 3.16
N THR B 174 11.46 -22.15 4.44
CA THR B 174 10.30 -21.45 4.94
C THR B 174 10.78 -20.50 6.03
N MET B 175 10.53 -19.20 5.85
CA MET B 175 11.03 -18.17 6.73
C MET B 175 9.92 -17.24 7.15
N THR B 176 10.15 -16.55 8.26
CA THR B 176 9.24 -15.50 8.72
C THR B 176 10.05 -14.51 9.54
N ILE B 177 10.13 -13.27 9.06
CA ILE B 177 10.82 -12.19 9.74
C ILE B 177 9.81 -11.08 10.02
N TYR B 178 9.94 -10.43 11.18
CA TYR B 178 9.08 -9.28 11.44
C TYR B 178 9.70 -8.39 12.51
N ASP B 179 9.64 -7.09 12.25
CA ASP B 179 10.24 -6.09 13.14
C ASP B 179 9.65 -6.18 14.54
N ASP B 180 10.47 -5.83 15.53
CA ASP B 180 10.07 -5.78 16.93
C ASP B 180 10.30 -4.36 17.44
N GLU B 181 9.29 -3.82 18.12
CA GLU B 181 9.34 -2.46 18.67
C GLU B 181 9.59 -2.44 20.17
N SER B 182 9.95 -3.59 20.76
CA SER B 182 10.15 -3.65 22.20
C SER B 182 11.47 -2.98 22.57
N LEU B 183 11.80 -3.02 23.86
CA LEU B 183 13.01 -2.41 24.40
C LEU B 183 13.92 -3.45 25.03
N GLU B 184 13.89 -4.67 24.52
CA GLU B 184 14.78 -5.72 24.99
C GLU B 184 16.19 -5.49 24.44
N ALA B 185 17.14 -6.22 25.01
CA ALA B 185 18.54 -6.17 24.59
C ALA B 185 18.85 -7.49 23.89
N ALA B 186 18.62 -7.52 22.58
CA ALA B 186 18.83 -8.72 21.80
C ALA B 186 20.29 -8.82 21.36
N PRO B 187 20.75 -10.03 21.02
CA PRO B 187 22.12 -10.19 20.55
C PRO B 187 22.26 -9.83 19.07
N MET B 188 23.51 -9.65 18.66
CA MET B 188 23.79 -9.39 17.25
C MET B 188 23.59 -10.64 16.43
N ILE B 189 23.12 -10.47 15.19
CA ILE B 189 22.86 -11.62 14.33
C ILE B 189 24.15 -12.37 14.04
N TRP B 190 25.25 -11.63 13.88
CA TRP B 190 26.54 -12.29 13.66
C TRP B 190 26.91 -13.18 14.84
N ASP B 191 26.60 -12.75 16.07
CA ASP B 191 26.92 -13.55 17.24
C ASP B 191 26.27 -14.93 17.17
N HIS B 192 25.17 -15.07 16.44
CA HIS B 192 24.49 -16.35 16.35
C HIS B 192 25.27 -17.37 15.53
N PHE B 193 26.36 -16.95 14.87
CA PHE B 193 27.22 -17.86 14.13
C PHE B 193 28.34 -18.32 15.06
N ASN B 194 28.47 -19.64 15.24
CA ASN B 194 29.48 -20.16 16.14
C ASN B 194 30.87 -20.10 15.52
N SER B 195 30.96 -20.36 14.21
CA SER B 195 32.17 -20.24 13.41
C SER B 195 33.16 -21.39 13.64
N SER B 196 32.86 -22.32 14.56
CA SER B 196 33.74 -23.47 14.74
C SER B 196 33.71 -24.42 13.55
N LYS B 197 32.87 -24.13 12.56
CA LYS B 197 32.94 -24.74 11.24
C LYS B 197 33.12 -23.60 10.23
N PHE B 198 34.01 -23.83 9.26
CA PHE B 198 34.30 -22.95 8.12
C PHE B 198 35.02 -21.72 8.66
N SER B 199 35.55 -20.88 7.78
CA SER B 199 36.51 -19.85 8.18
C SER B 199 36.36 -18.62 7.30
N ASP B 200 36.47 -17.45 7.94
CA ASP B 200 36.42 -16.16 7.27
C ASP B 200 34.99 -15.77 6.96
N PHE B 201 34.63 -14.50 7.19
CA PHE B 201 33.28 -14.02 6.98
C PHE B 201 33.11 -13.21 5.71
N ARG B 202 34.16 -12.51 5.25
CA ARG B 202 34.08 -11.85 3.95
C ARG B 202 33.90 -12.87 2.84
N GLU B 203 34.71 -13.93 2.85
CA GLU B 203 34.56 -14.99 1.86
C GLU B 203 33.15 -15.57 1.90
N LYS B 204 32.68 -15.94 3.09
CA LYS B 204 31.38 -16.58 3.21
C LYS B 204 30.27 -15.60 2.83
N ALA B 205 30.38 -14.34 3.25
CA ALA B 205 29.39 -13.34 2.86
C ALA B 205 29.37 -13.15 1.36
N LEU B 206 30.51 -13.33 0.69
CA LEU B 206 30.54 -13.23 -0.76
C LEU B 206 29.96 -14.47 -1.43
N MET B 207 30.12 -15.65 -0.82
CA MET B 207 29.54 -16.87 -1.37
C MET B 207 28.04 -16.68 -1.59
N PHE B 208 27.38 -15.95 -0.70
CA PHE B 208 25.95 -15.74 -0.74
C PHE B 208 25.56 -14.48 -1.51
N GLY B 209 26.52 -13.68 -1.95
CA GLY B 209 26.21 -12.43 -2.61
C GLY B 209 25.95 -11.31 -1.62
N LEU B 210 26.91 -11.06 -0.73
CA LEU B 210 26.73 -10.10 0.36
C LEU B 210 28.08 -9.50 0.70
N ILE B 211 28.21 -8.20 0.52
CA ILE B 211 29.46 -7.47 0.78
C ILE B 211 29.33 -6.77 2.13
N VAL B 212 30.30 -7.00 2.99
CA VAL B 212 30.27 -6.55 4.38
C VAL B 212 31.61 -5.89 4.72
N GLU B 213 31.73 -5.46 5.96
CA GLU B 213 32.91 -4.72 6.42
C GLU B 213 33.33 -5.26 7.78
N LYS B 214 34.59 -5.01 8.12
CA LYS B 214 35.22 -5.64 9.28
C LYS B 214 35.71 -4.61 10.29
N LYS B 215 34.88 -3.60 10.56
CA LYS B 215 35.25 -2.52 11.47
C LYS B 215 36.02 -3.04 12.68
N ALA B 216 37.17 -2.41 12.94
CA ALA B 216 38.10 -2.91 13.94
C ALA B 216 37.47 -2.94 15.33
N SER B 217 36.78 -1.86 15.72
CA SER B 217 36.33 -1.69 17.09
C SER B 217 34.97 -2.30 17.38
N GLY B 218 34.29 -2.84 16.37
CA GLY B 218 32.97 -3.39 16.57
C GLY B 218 32.78 -4.75 15.92
N ALA B 219 31.71 -4.89 15.13
CA ALA B 219 31.39 -6.14 14.47
C ALA B 219 31.12 -5.87 13.00
N TRP B 220 30.69 -6.89 12.26
CA TRP B 220 30.53 -6.75 10.82
C TRP B 220 29.27 -5.96 10.50
N VAL B 221 29.40 -5.01 9.58
CA VAL B 221 28.29 -4.17 9.13
C VAL B 221 28.13 -4.36 7.63
N LEU B 222 26.89 -4.39 7.17
CA LEU B 222 26.61 -4.60 5.76
C LEU B 222 27.09 -3.41 4.94
N ASP B 223 27.46 -3.70 3.69
CA ASP B 223 27.82 -2.66 2.72
C ASP B 223 26.83 -2.58 1.57
N SER B 224 26.55 -3.70 0.91
CA SER B 224 25.59 -3.76 -0.19
C SER B 224 25.42 -5.22 -0.57
N ILE B 225 24.52 -5.46 -1.53
CA ILE B 225 24.27 -6.79 -2.08
C ILE B 225 24.90 -6.83 -3.46
N SER B 226 25.94 -7.65 -3.63
CA SER B 226 26.63 -7.74 -4.91
C SER B 226 25.68 -8.25 -6.00
N HIS B 227 25.03 -9.38 -5.74
CA HIS B 227 24.06 -9.94 -6.68
C HIS B 227 24.75 -10.31 -8.00
N GLN C 58 45.97 4.68 17.18
CA GLN C 58 46.46 5.55 18.23
C GLN C 58 46.55 4.80 19.56
N LEU C 59 47.69 4.90 20.22
CA LEU C 59 47.93 4.19 21.47
C LEU C 59 47.20 4.92 22.59
N ARG C 60 46.03 4.43 22.96
CA ARG C 60 45.21 5.00 24.02
C ARG C 60 45.29 4.12 25.25
N TYR C 61 45.62 4.72 26.39
CA TYR C 61 45.70 4.01 27.67
C TYR C 61 44.39 4.22 28.41
N GLU C 62 43.62 3.15 28.60
CA GLU C 62 42.35 3.22 29.31
C GLU C 62 42.45 2.46 30.63
N LYS C 63 42.11 3.13 31.72
CA LYS C 63 42.21 2.58 33.06
C LYS C 63 40.88 2.00 33.53
N PHE C 64 40.95 0.97 34.35
CA PHE C 64 39.75 0.37 34.92
C PHE C 64 40.11 -0.53 36.08
N PHE C 65 39.18 -0.61 37.03
CA PHE C 65 39.15 -1.70 38.00
C PHE C 65 38.44 -2.90 37.38
N PHE C 66 38.92 -4.09 37.73
CA PHE C 66 38.39 -5.33 37.17
C PHE C 66 38.19 -6.35 38.28
N THR C 67 37.09 -7.11 38.18
CA THR C 67 36.85 -8.28 39.01
C THR C 67 36.35 -9.39 38.10
N VAL C 68 36.86 -10.61 38.31
CA VAL C 68 36.55 -11.75 37.45
C VAL C 68 36.43 -13.00 38.30
N LYS C 69 35.38 -13.79 38.05
CA LYS C 69 35.17 -15.08 38.68
C LYS C 69 34.81 -16.08 37.59
N MET C 70 35.66 -17.09 37.41
CA MET C 70 35.50 -18.07 36.34
C MET C 70 35.27 -19.45 36.94
N THR C 71 34.35 -20.20 36.33
CA THR C 71 34.05 -21.56 36.75
C THR C 71 33.81 -22.42 35.53
N VAL C 72 34.33 -23.64 35.55
CA VAL C 72 34.12 -24.61 34.48
C VAL C 72 33.65 -25.91 35.11
N ARG C 73 32.59 -26.50 34.55
CA ARG C 73 32.11 -27.81 34.95
C ARG C 73 32.05 -28.70 33.73
N SER C 74 32.40 -29.98 33.89
CA SER C 74 32.30 -30.90 32.77
C SER C 74 32.65 -32.31 33.25
N ASN C 75 32.44 -33.28 32.36
CA ASN C 75 32.99 -34.62 32.50
C ASN C 75 34.32 -34.68 31.73
N ARG C 76 34.93 -35.86 31.71
CA ARG C 76 36.18 -36.04 30.98
C ARG C 76 37.18 -34.97 31.39
N PRO C 77 37.72 -35.02 32.62
CA PRO C 77 38.48 -33.89 33.14
C PRO C 77 39.62 -33.50 32.21
N PHE C 78 39.83 -32.19 32.08
CA PHE C 78 40.82 -31.67 31.15
C PHE C 78 42.22 -32.09 31.56
N ARG C 79 43.07 -32.32 30.56
CA ARG C 79 44.47 -32.67 30.74
C ARG C 79 45.42 -31.59 30.26
N THR C 80 45.22 -31.11 29.04
CA THR C 80 46.11 -30.12 28.42
C THR C 80 45.44 -28.75 28.41
N TYR C 81 46.26 -27.72 28.66
CA TYR C 81 45.74 -26.36 28.71
C TYR C 81 45.09 -25.94 27.40
N SER C 82 45.52 -26.54 26.29
CA SER C 82 44.94 -26.18 24.99
C SER C 82 43.45 -26.49 24.95
N ASP C 83 43.03 -27.63 25.48
CA ASP C 83 41.62 -27.98 25.51
C ASP C 83 40.82 -26.99 26.35
N VAL C 84 41.35 -26.61 27.51
CA VAL C 84 40.66 -25.64 28.37
C VAL C 84 40.53 -24.31 27.63
N ALA C 85 41.60 -23.87 26.98
CA ALA C 85 41.55 -22.61 26.24
C ALA C 85 40.53 -22.67 25.11
N ALA C 86 40.49 -23.79 24.39
CA ALA C 86 39.50 -23.94 23.33
C ALA C 86 38.08 -23.88 23.89
N ALA C 87 37.85 -24.54 25.04
CA ALA C 87 36.53 -24.51 25.65
C ALA C 87 36.13 -23.10 26.06
N VAL C 88 37.06 -22.36 26.67
CA VAL C 88 36.71 -21.05 27.21
C VAL C 88 36.66 -19.96 26.13
N SER C 89 37.35 -20.13 25.00
CA SER C 89 37.41 -19.08 24.00
C SER C 89 36.03 -18.66 23.51
N HIS C 90 35.07 -19.58 23.48
CA HIS C 90 33.74 -19.32 22.94
C HIS C 90 32.69 -19.12 24.04
N TRP C 91 33.10 -18.57 25.19
CA TRP C 91 32.18 -18.33 26.30
C TRP C 91 31.06 -17.37 25.95
N ASP C 92 31.10 -16.71 24.79
CA ASP C 92 30.19 -15.62 24.44
C ASP C 92 29.49 -15.92 23.12
N HIS C 93 29.00 -17.15 22.98
CA HIS C 93 28.26 -17.54 21.78
C HIS C 93 27.18 -16.52 21.45
N MET C 94 26.38 -16.13 22.44
CA MET C 94 25.30 -15.16 22.27
C MET C 94 25.50 -14.05 23.31
N TYR C 95 26.28 -13.04 22.92
CA TYR C 95 26.57 -11.92 23.81
C TYR C 95 25.42 -10.92 23.79
N ILE C 96 24.91 -10.58 24.97
CA ILE C 96 23.88 -9.56 25.10
C ILE C 96 24.30 -8.51 26.12
N GLY C 97 25.60 -8.40 26.37
CA GLY C 97 26.12 -7.38 27.27
C GLY C 97 26.31 -6.04 26.58
N MET C 98 26.98 -5.15 27.29
CA MET C 98 27.34 -3.86 26.73
C MET C 98 28.26 -4.05 25.53
N ALA C 99 27.91 -3.42 24.40
CA ALA C 99 28.70 -3.58 23.19
C ALA C 99 30.12 -3.02 23.38
N GLY C 100 30.21 -1.83 23.97
CA GLY C 100 31.49 -1.13 24.03
C GLY C 100 32.50 -1.76 24.96
N LYS C 101 32.07 -2.69 25.81
CA LYS C 101 32.95 -3.44 26.69
C LYS C 101 33.26 -4.83 26.15
N ARG C 102 32.72 -5.19 24.97
CA ARG C 102 32.88 -6.56 24.47
C ARG C 102 34.34 -6.97 24.35
N PRO C 103 35.20 -6.24 23.63
CA PRO C 103 36.60 -6.69 23.55
C PRO C 103 37.28 -6.83 24.89
N PHE C 104 37.02 -5.90 25.81
CA PHE C 104 37.73 -5.91 27.09
C PHE C 104 37.45 -7.20 27.85
N TYR C 105 36.18 -7.64 27.85
CA TYR C 105 35.84 -8.88 28.53
C TYR C 105 36.70 -10.02 28.02
N LYS C 106 36.93 -10.08 26.71
CA LYS C 106 37.73 -11.16 26.16
C LYS C 106 39.12 -11.16 26.76
N ILE C 107 39.74 -9.98 26.86
CA ILE C 107 41.04 -9.87 27.51
C ILE C 107 40.96 -10.47 28.91
N LEU C 108 39.92 -10.11 29.66
CA LEU C 108 39.81 -10.61 31.02
C LEU C 108 39.65 -12.13 31.02
N ALA C 109 38.99 -12.69 30.01
CA ALA C 109 38.88 -14.14 29.95
C ALA C 109 40.26 -14.77 29.88
N PHE C 110 41.17 -14.16 29.11
CA PHE C 110 42.55 -14.64 29.08
C PHE C 110 43.09 -14.76 30.50
N LEU C 111 42.90 -13.72 31.30
CA LEU C 111 43.38 -13.75 32.68
C LEU C 111 42.83 -14.98 33.40
N GLY C 112 41.52 -15.21 33.29
CA GLY C 112 40.95 -16.38 33.94
C GLY C 112 41.60 -17.67 33.49
N SER C 113 41.91 -17.76 32.19
CA SER C 113 42.61 -18.95 31.69
C SER C 113 43.94 -19.12 32.40
N SER C 114 44.69 -18.03 32.57
CA SER C 114 45.96 -18.10 33.28
C SER C 114 45.81 -18.53 34.73
N ASN C 115 44.61 -18.39 35.30
CA ASN C 115 44.38 -18.65 36.72
C ASN C 115 43.47 -19.86 36.94
N LEU C 116 43.62 -20.89 36.11
CA LEU C 116 42.81 -22.09 36.29
C LEU C 116 43.28 -22.84 37.54
N LYS C 117 42.32 -23.22 38.39
CA LYS C 117 42.60 -23.89 39.64
C LYS C 117 41.65 -25.07 39.84
N ALA C 118 42.10 -26.04 40.63
CA ALA C 118 41.26 -27.13 41.08
C ALA C 118 40.72 -26.84 42.48
N THR C 119 39.79 -27.68 42.91
CA THR C 119 39.14 -27.52 44.21
C THR C 119 39.09 -28.86 44.90
N PRO C 120 38.87 -28.89 46.21
CA PRO C 120 38.73 -30.17 46.91
C PRO C 120 37.61 -31.03 46.39
N ALA C 121 36.65 -30.46 45.65
CA ALA C 121 35.58 -31.25 45.07
C ALA C 121 36.15 -32.29 44.09
N VAL C 122 37.12 -31.89 43.26
CA VAL C 122 37.72 -32.83 42.32
C VAL C 122 38.43 -33.95 43.08
N LEU C 123 39.20 -33.58 44.11
CA LEU C 123 39.85 -34.59 44.94
C LEU C 123 38.85 -35.48 45.66
N ALA C 124 37.62 -35.02 45.82
CA ALA C 124 36.58 -35.82 46.47
C ALA C 124 35.93 -36.81 45.51
N ASP C 125 35.96 -36.53 44.21
CA ASP C 125 35.37 -37.41 43.21
C ASP C 125 35.85 -36.98 41.84
N GLN C 126 36.22 -37.96 41.02
CA GLN C 126 36.78 -37.71 39.70
C GLN C 126 35.73 -37.68 38.59
N GLY C 127 34.47 -37.99 38.91
CA GLY C 127 33.43 -38.03 37.91
C GLY C 127 32.64 -36.75 37.74
N GLN C 128 33.00 -35.68 38.45
CA GLN C 128 32.43 -34.36 38.24
C GLN C 128 33.58 -33.36 38.14
N PRO C 129 34.28 -33.34 37.01
CA PRO C 129 35.36 -32.35 36.84
C PRO C 129 34.85 -30.93 36.95
N GLU C 130 35.68 -30.09 37.58
CA GLU C 130 35.26 -28.75 37.98
C GLU C 130 36.50 -27.93 38.30
N TYR C 131 36.59 -26.73 37.73
CA TYR C 131 37.70 -25.82 37.95
C TYR C 131 37.15 -24.44 38.34
N HIS C 132 37.86 -23.77 39.26
CA HIS C 132 37.49 -22.45 39.73
C HIS C 132 38.62 -21.46 39.46
N ALA C 133 38.31 -20.18 39.55
CA ALA C 133 39.31 -19.13 39.43
C ALA C 133 38.67 -17.80 39.81
N HIS C 134 39.49 -16.91 40.38
CA HIS C 134 39.02 -15.60 40.80
C HIS C 134 40.19 -14.62 40.80
N CYS C 135 39.95 -13.42 40.30
CA CYS C 135 40.97 -12.38 40.28
C CYS C 135 40.30 -11.01 40.38
N GLU C 136 41.08 -10.02 40.78
CA GLU C 136 40.54 -8.67 40.96
C GLU C 136 41.69 -7.69 41.14
N GLY C 137 41.43 -6.44 40.81
CA GLY C 137 42.37 -5.37 41.11
C GLY C 137 42.16 -4.18 40.18
N ARG C 138 43.24 -3.41 40.02
CA ARG C 138 43.26 -2.20 39.21
C ARG C 138 44.28 -2.36 38.10
N ALA C 139 43.97 -1.85 36.91
CA ALA C 139 44.90 -1.96 35.80
C ALA C 139 44.52 -0.91 34.75
N TYR C 140 45.40 -0.75 33.77
CA TYR C 140 45.07 0.02 32.57
C TYR C 140 45.71 -0.65 31.37
N LEU C 141 45.06 -0.48 30.22
CA LEU C 141 45.37 -1.24 29.02
C LEU C 141 45.66 -0.27 27.87
N PRO C 142 46.79 -0.42 27.18
CA PRO C 142 46.96 0.28 25.90
C PRO C 142 46.22 -0.44 24.79
N HIS C 143 45.52 0.34 23.96
CA HIS C 143 44.72 -0.21 22.89
C HIS C 143 44.69 0.76 21.72
N ARG C 144 44.41 0.22 20.53
CA ARG C 144 44.31 1.00 19.31
C ARG C 144 42.92 0.85 18.68
N MET C 145 41.90 0.72 19.52
CA MET C 145 40.51 0.65 19.08
C MET C 145 39.88 2.03 18.93
N GLY C 146 40.62 3.10 19.22
CA GLY C 146 40.08 4.44 19.19
C GLY C 146 39.63 4.91 20.56
N LYS C 147 38.34 5.22 20.70
CA LYS C 147 37.78 5.73 21.94
C LYS C 147 36.72 4.77 22.46
N THR C 148 36.74 4.53 23.78
CA THR C 148 35.74 3.69 24.41
C THR C 148 34.67 4.54 25.08
N PRO C 149 33.40 4.13 25.08
CA PRO C 149 32.37 4.95 25.74
C PRO C 149 32.58 5.00 27.25
N PRO C 150 31.83 5.85 27.95
CA PRO C 150 31.86 5.81 29.41
C PRO C 150 31.38 4.46 29.94
N MET C 151 31.97 4.03 31.04
CA MET C 151 31.69 2.73 31.63
C MET C 151 31.17 2.89 33.04
N LEU C 152 30.24 2.01 33.42
CA LEU C 152 29.61 2.02 34.72
C LEU C 152 30.11 0.85 35.56
N ASN C 153 29.80 0.91 36.86
CA ASN C 153 30.20 -0.13 37.82
C ASN C 153 28.95 -0.93 38.17
N VAL C 154 28.72 -2.00 37.43
CA VAL C 154 27.60 -2.91 37.67
C VAL C 154 28.04 -4.32 37.29
N PRO C 155 27.61 -5.36 38.01
CA PRO C 155 28.06 -6.71 37.67
C PRO C 155 27.45 -7.21 36.37
N GLU C 156 28.16 -8.14 35.73
CA GLU C 156 27.69 -8.81 34.54
C GLU C 156 28.05 -10.30 34.63
N HIS C 157 27.17 -11.14 34.10
CA HIS C 157 27.31 -12.58 34.24
C HIS C 157 26.93 -13.27 32.94
N PHE C 158 27.59 -14.39 32.65
CA PHE C 158 27.30 -15.20 31.48
C PHE C 158 27.52 -16.67 31.84
N ARG C 159 26.64 -17.53 31.33
CA ARG C 159 26.78 -18.97 31.48
C ARG C 159 26.40 -19.63 30.17
N ARG C 160 27.29 -20.46 29.63
CA ARG C 160 27.05 -21.08 28.33
C ARG C 160 27.46 -22.54 28.36
N PRO C 161 26.85 -23.37 27.50
CA PRO C 161 27.33 -24.74 27.34
C PRO C 161 28.39 -24.85 26.25
N PHE C 162 29.43 -25.62 26.54
CA PHE C 162 30.52 -25.86 25.61
C PHE C 162 30.51 -27.31 25.17
N ASN C 163 30.67 -27.52 23.87
CA ASN C 163 30.57 -28.85 23.25
C ASN C 163 31.61 -28.91 22.14
N ILE C 164 32.77 -29.49 22.44
CA ILE C 164 33.86 -29.63 21.49
C ILE C 164 34.10 -31.09 21.15
N GLY C 165 33.12 -31.96 21.39
CA GLY C 165 33.32 -33.39 21.18
C GLY C 165 33.85 -34.08 22.42
N LEU C 166 35.16 -34.33 22.45
CA LEU C 166 35.77 -35.04 23.57
C LEU C 166 35.38 -34.41 24.91
N TYR C 167 35.28 -33.09 24.96
CA TYR C 167 34.96 -32.36 26.17
C TYR C 167 33.61 -31.67 26.02
N LYS C 168 32.76 -31.82 27.04
CA LYS C 168 31.43 -31.23 27.06
C LYS C 168 31.10 -30.78 28.46
N GLY C 169 30.47 -29.61 28.58
CA GLY C 169 30.05 -29.12 29.88
C GLY C 169 29.53 -27.72 29.83
N THR C 170 29.76 -26.98 30.92
CA THR C 170 29.27 -25.62 31.07
C THR C 170 30.39 -24.72 31.57
N ILE C 171 30.33 -23.45 31.17
CA ILE C 171 31.32 -22.44 31.54
C ILE C 171 30.57 -21.21 32.04
N GLU C 172 31.00 -20.70 33.18
CA GLU C 172 30.37 -19.56 33.85
C GLU C 172 31.43 -18.48 34.08
N LEU C 173 31.09 -17.24 33.71
CA LEU C 173 31.99 -16.11 33.89
C LEU C 173 31.20 -14.95 34.50
N THR C 174 31.68 -14.44 35.63
CA THR C 174 31.11 -13.26 36.26
C THR C 174 32.18 -12.17 36.23
N MET C 175 31.91 -11.11 35.46
CA MET C 175 32.87 -10.03 35.27
C MET C 175 32.28 -8.72 35.75
N THR C 176 33.16 -7.81 36.16
CA THR C 176 32.76 -6.45 36.53
C THR C 176 33.96 -5.55 36.25
N ILE C 177 33.90 -4.81 35.15
CA ILE C 177 34.95 -3.90 34.71
C ILE C 177 34.37 -2.50 34.72
N TYR C 178 35.07 -1.56 35.36
CA TYR C 178 34.53 -0.22 35.51
C TYR C 178 35.68 0.78 35.61
N ASP C 179 35.33 2.06 35.49
CA ASP C 179 36.34 3.10 35.32
C ASP C 179 37.22 3.21 36.56
N ASP C 180 38.45 3.68 36.35
CA ASP C 180 39.43 3.92 37.41
C ASP C 180 39.72 5.41 37.41
N GLU C 181 38.93 6.17 38.17
CA GLU C 181 39.06 7.62 38.22
C GLU C 181 40.27 8.09 39.01
N SER C 182 41.00 7.19 39.67
CA SER C 182 42.16 7.60 40.44
C SER C 182 43.27 8.10 39.52
N LEU C 183 44.13 8.96 40.06
CA LEU C 183 45.21 9.56 39.30
C LEU C 183 46.58 8.95 39.60
N GLU C 184 46.64 7.90 40.41
CA GLU C 184 47.91 7.30 40.76
C GLU C 184 48.36 6.33 39.69
N ALA C 185 49.69 6.16 39.58
CA ALA C 185 50.25 5.24 38.61
C ALA C 185 49.95 3.79 39.00
N ALA C 186 49.86 2.94 37.98
CA ALA C 186 49.65 1.51 38.16
C ALA C 186 50.53 0.77 37.16
N PRO C 187 50.82 -0.50 37.41
CA PRO C 187 51.61 -1.28 36.44
C PRO C 187 50.84 -1.49 35.15
N MET C 188 51.53 -2.06 34.17
CA MET C 188 50.90 -2.42 32.92
C MET C 188 49.97 -3.62 33.13
N ILE C 189 48.80 -3.57 32.50
CA ILE C 189 47.91 -4.72 32.55
C ILE C 189 48.53 -5.90 31.81
N TRP C 190 49.29 -5.63 30.74
CA TRP C 190 50.01 -6.69 30.07
C TRP C 190 51.08 -7.28 30.95
N ASP C 191 51.72 -6.47 31.79
CA ASP C 191 52.65 -6.96 32.80
C ASP C 191 51.92 -7.23 34.12
N HIS C 192 50.85 -8.02 34.03
CA HIS C 192 50.11 -8.47 35.21
C HIS C 192 49.89 -9.98 35.24
N PHE C 193 49.95 -10.65 34.10
CA PHE C 193 49.71 -12.09 34.04
C PHE C 193 50.95 -12.85 34.50
N ASN C 194 50.80 -14.16 34.61
CA ASN C 194 51.88 -15.04 35.04
C ASN C 194 52.52 -15.79 33.88
N SER C 195 52.17 -15.43 32.63
CA SER C 195 52.70 -16.09 31.45
C SER C 195 54.02 -15.49 31.00
N SER C 196 55.01 -15.43 31.90
CA SER C 196 56.35 -15.07 31.48
C SER C 196 56.90 -16.10 30.50
N LYS C 197 56.65 -17.39 30.80
CA LYS C 197 56.69 -18.50 29.85
C LYS C 197 57.60 -18.24 28.64
N PHE C 198 56.99 -17.92 27.49
CA PHE C 198 57.69 -17.86 26.22
C PHE C 198 57.06 -16.76 25.39
N SER C 199 57.51 -16.66 24.14
CA SER C 199 57.05 -15.62 23.21
C SER C 199 55.72 -15.97 22.54
N ASP C 200 55.13 -17.12 22.87
CA ASP C 200 53.90 -17.58 22.23
C ASP C 200 52.65 -17.02 22.89
N PHE C 201 52.78 -15.93 23.66
CA PHE C 201 51.60 -15.22 24.17
C PHE C 201 50.68 -14.84 23.02
N ARG C 202 51.25 -14.38 21.90
CA ARG C 202 50.44 -14.01 20.75
C ARG C 202 49.76 -15.22 20.15
N GLU C 203 50.43 -16.38 20.15
CA GLU C 203 49.81 -17.60 19.65
C GLU C 203 48.62 -17.99 20.51
N LYS C 204 48.76 -17.89 21.84
CA LYS C 204 47.64 -18.15 22.73
C LYS C 204 46.49 -17.18 22.47
N ALA C 205 46.81 -15.90 22.35
CA ALA C 205 45.78 -14.91 22.08
C ALA C 205 45.04 -15.21 20.78
N LEU C 206 45.78 -15.55 19.73
CA LEU C 206 45.15 -15.90 18.46
C LEU C 206 44.27 -17.13 18.59
N MET C 207 44.75 -18.16 19.31
CA MET C 207 43.93 -19.34 19.53
C MET C 207 42.63 -18.97 20.23
N PHE C 208 42.70 -18.05 21.20
CA PHE C 208 41.48 -17.40 21.66
C PHE C 208 40.87 -16.56 20.54
N GLY C 209 41.69 -15.82 19.82
CA GLY C 209 41.25 -14.97 18.74
C GLY C 209 41.51 -13.50 19.00
N LEU C 210 42.51 -13.21 19.83
CA LEU C 210 42.87 -11.84 20.17
C LEU C 210 44.17 -11.50 19.44
N ILE C 211 44.14 -10.43 18.66
CA ILE C 211 45.30 -9.99 17.88
C ILE C 211 46.10 -9.01 18.73
N VAL C 212 47.37 -9.33 18.94
CA VAL C 212 48.27 -8.49 19.72
C VAL C 212 49.53 -8.23 18.92
N GLU C 213 50.30 -7.24 19.35
CA GLU C 213 51.55 -6.85 18.72
C GLU C 213 52.70 -7.10 19.67
N LYS C 214 53.77 -7.70 19.16
CA LYS C 214 54.97 -8.02 19.93
C LYS C 214 56.18 -7.29 19.37
N LYS C 215 55.96 -6.12 18.77
CA LYS C 215 57.00 -5.38 18.08
C LYS C 215 57.84 -4.62 19.10
N ALA C 216 58.71 -3.73 18.61
CA ALA C 216 59.64 -3.01 19.48
C ALA C 216 58.95 -2.15 20.52
N SER C 217 57.62 -1.99 20.44
CA SER C 217 56.89 -1.27 21.48
C SER C 217 57.18 -1.85 22.87
N GLY C 218 57.51 -3.13 22.95
CA GLY C 218 57.85 -3.77 24.20
C GLY C 218 56.70 -4.39 24.94
N ALA C 219 55.47 -4.32 24.40
CA ALA C 219 54.31 -4.87 25.10
C ALA C 219 53.53 -5.81 24.18
N TRP C 220 52.37 -6.27 24.65
CA TRP C 220 51.51 -7.19 23.93
C TRP C 220 50.18 -6.52 23.58
N VAL C 221 50.24 -5.25 23.17
CA VAL C 221 49.06 -4.41 23.07
C VAL C 221 47.99 -5.08 22.23
N LEU C 222 46.73 -4.94 22.67
CA LEU C 222 45.59 -5.44 21.91
C LEU C 222 45.52 -4.75 20.55
N ASP C 223 45.19 -5.53 19.51
CA ASP C 223 45.28 -5.04 18.14
C ASP C 223 43.93 -4.93 17.45
N SER C 224 43.11 -5.98 17.44
CA SER C 224 41.96 -5.96 16.53
C SER C 224 40.93 -7.03 16.91
N ILE C 225 39.86 -7.03 16.12
CA ILE C 225 38.66 -7.86 16.19
C ILE C 225 38.60 -8.55 14.83
N SER C 226 37.56 -9.37 14.57
CA SER C 226 37.68 -10.63 13.83
C SER C 226 38.22 -11.75 14.70
N HIS C 227 38.13 -11.59 16.02
CA HIS C 227 38.31 -12.71 16.94
C HIS C 227 37.45 -13.91 16.58
N PHE C 228 36.37 -13.71 15.80
CA PHE C 228 35.60 -14.83 15.31
C PHE C 228 36.29 -15.45 14.12
N LYS C 229 36.31 -16.78 14.07
CA LYS C 229 37.04 -17.50 13.03
C LYS C 229 36.36 -18.83 12.71
#